data_4OWL
#
_entry.id   4OWL
#
_cell.length_a   326.905
_cell.length_b   79.843
_cell.length_c   55.607
_cell.angle_alpha   90.000
_cell.angle_beta   95.710
_cell.angle_gamma   90.000
#
_symmetry.space_group_name_H-M   'C 1 2 1'
#
loop_
_entity.id
_entity.type
_entity.pdbx_description
1 polymer Cytolysin
2 branched beta-D-galactopyranose-(1-4)-2-acetamido-2-deoxy-beta-D-glucopyranose
3 non-polymer GLYCEROL
4 non-polymer beta-D-galactopyranose
5 water water
#
_entity_poly.entity_id   1
_entity_poly.type   'polypeptide(L)'
_entity_poly.pdbx_seq_one_letter_code
;GSAMAHVTLQSLSNNDLCLDVYGENGDKTVAGGSVNGWSCHGSWNQVWGLDKEERYRSRVASDRCLTVNADKTLTVEQCG
ANLAQKWYWEGDKLISRYVDGNNTRYLLNIVGGRNVQVTPENEANQARWKPTLQQVKL
;
_entity_poly.pdbx_strand_id   A,B,C,D,E,F,G
#
# COMPACT_ATOMS: atom_id res chain seq x y z
N MET A 4 -10.42 3.81 -29.31
CA MET A 4 -9.54 3.06 -30.20
C MET A 4 -8.20 3.79 -30.37
N ALA A 5 -7.14 3.22 -29.80
CA ALA A 5 -5.82 3.87 -29.74
C ALA A 5 -4.90 3.43 -30.88
N HIS A 6 -4.59 4.36 -31.78
CA HIS A 6 -3.81 4.06 -32.98
C HIS A 6 -2.30 4.20 -32.76
N VAL A 7 -1.57 3.16 -33.15
CA VAL A 7 -0.14 3.09 -32.91
C VAL A 7 0.64 2.54 -34.09
N THR A 8 1.95 2.82 -34.08
CA THR A 8 2.91 2.06 -34.88
C THR A 8 3.56 1.03 -33.96
N LEU A 9 3.93 -0.12 -34.53
CA LEU A 9 4.62 -1.17 -33.78
C LEU A 9 6.09 -1.22 -34.22
N GLN A 10 6.92 -0.48 -33.48
CA GLN A 10 8.34 -0.35 -33.80
C GLN A 10 9.16 -1.33 -32.97
N SER A 11 10.09 -2.02 -33.60
CA SER A 11 10.95 -2.97 -32.93
C SER A 11 11.92 -2.26 -32.02
N LEU A 12 12.24 -2.88 -30.89
CA LEU A 12 13.33 -2.40 -30.05
C LEU A 12 14.57 -3.30 -30.22
N SER A 13 14.54 -4.17 -31.23
CA SER A 13 15.60 -5.15 -31.47
C SER A 13 16.28 -4.84 -32.79
N ASN A 14 15.79 -3.78 -33.44
CA ASN A 14 16.29 -3.34 -34.73
C ASN A 14 16.24 -1.80 -34.75
N ASN A 15 17.33 -1.17 -35.19
CA ASN A 15 17.43 0.29 -35.14
C ASN A 15 16.38 1.03 -35.98
N ASP A 16 15.72 0.35 -36.90
CA ASP A 16 14.68 1.00 -37.72
C ASP A 16 13.77 0.01 -38.43
N LEU A 17 12.82 -0.54 -37.71
CA LEU A 17 11.87 -1.49 -38.28
C LEU A 17 10.52 -1.35 -37.60
N CYS A 18 9.47 -1.33 -38.42
CA CYS A 18 8.10 -1.27 -37.91
C CYS A 18 7.30 -2.40 -38.55
N LEU A 19 6.23 -2.83 -37.90
CA LEU A 19 5.38 -3.85 -38.48
C LEU A 19 4.64 -3.24 -39.67
N ASP A 20 4.64 -3.93 -40.80
CA ASP A 20 4.28 -3.32 -42.07
C ASP A 20 3.47 -4.28 -42.96
N VAL A 21 2.33 -3.79 -43.43
CA VAL A 21 1.55 -4.50 -44.43
C VAL A 21 2.20 -4.27 -45.81
N TYR A 22 2.86 -5.29 -46.35
CA TYR A 22 3.38 -5.25 -47.73
C TYR A 22 2.25 -5.33 -48.73
N GLY A 23 1.25 -6.12 -48.41
CA GLY A 23 0.13 -6.35 -49.29
C GLY A 23 0.47 -7.43 -50.30
N GLU A 24 -0.11 -7.29 -51.49
CA GLU A 24 0.13 -8.19 -52.60
C GLU A 24 0.07 -7.41 -53.91
N ASN A 25 0.98 -7.72 -54.83
CA ASN A 25 0.93 -7.18 -56.19
C ASN A 25 0.97 -5.65 -56.28
N GLY A 26 1.24 -5.00 -55.16
CA GLY A 26 1.28 -3.55 -55.08
C GLY A 26 0.29 -2.99 -54.07
N ASP A 27 -0.84 -3.68 -53.92
CA ASP A 27 -1.97 -3.15 -53.15
C ASP A 27 -1.94 -3.59 -51.68
N LYS A 28 -2.04 -2.62 -50.76
CA LYS A 28 -2.05 -2.89 -49.32
C LYS A 28 -3.45 -3.25 -48.82
N THR A 29 -4.45 -2.80 -49.54
CA THR A 29 -5.87 -2.98 -49.17
C THR A 29 -6.29 -4.45 -49.10
N VAL A 30 -5.68 -5.27 -49.95
CA VAL A 30 -6.13 -6.64 -50.16
C VAL A 30 -6.10 -7.48 -48.89
N ALA A 31 -7.12 -8.31 -48.73
CA ALA A 31 -7.16 -9.31 -47.67
C ALA A 31 -6.32 -10.52 -48.07
N GLY A 32 -5.50 -11.01 -47.16
CA GLY A 32 -4.56 -12.09 -47.46
C GLY A 32 -3.16 -11.56 -47.63
N GLY A 33 -3.04 -10.23 -47.64
CA GLY A 33 -1.78 -9.56 -47.87
C GLY A 33 -0.74 -9.84 -46.80
N SER A 34 0.52 -9.77 -47.20
CA SER A 34 1.63 -10.18 -46.36
C SER A 34 1.99 -9.11 -45.33
N VAL A 35 2.42 -9.54 -44.15
CA VAL A 35 2.94 -8.63 -43.14
C VAL A 35 4.39 -9.01 -42.79
N ASN A 36 5.26 -8.00 -42.82
CA ASN A 36 6.65 -8.16 -42.42
C ASN A 36 7.17 -6.81 -41.96
N GLY A 37 8.47 -6.56 -42.03
CA GLY A 37 9.06 -5.34 -41.51
C GLY A 37 9.42 -4.31 -42.55
N TRP A 38 9.52 -3.04 -42.15
CA TRP A 38 10.02 -1.99 -43.04
C TRP A 38 10.47 -0.82 -42.19
N SER A 39 11.30 0.07 -42.73
CA SER A 39 11.69 1.28 -42.00
C SER A 39 10.43 2.07 -41.64
N CYS A 40 10.49 2.80 -40.55
CA CYS A 40 9.33 3.49 -40.02
C CYS A 40 9.00 4.75 -40.81
N HIS A 41 7.75 4.83 -41.27
CA HIS A 41 7.27 6.04 -41.91
C HIS A 41 5.89 6.42 -41.35
N GLY A 42 5.22 5.48 -40.71
CA GLY A 42 3.99 5.78 -40.00
C GLY A 42 2.80 6.07 -40.91
N SER A 43 2.94 5.72 -42.19
CA SER A 43 1.85 5.83 -43.15
C SER A 43 0.75 4.82 -42.79
N TRP A 44 -0.34 4.84 -43.54
CA TRP A 44 -1.53 4.09 -43.15
C TRP A 44 -1.26 2.60 -42.94
N ASN A 45 -0.31 2.05 -43.71
CA ASN A 45 -0.04 0.59 -43.64
C ASN A 45 0.98 0.16 -42.57
N GLN A 46 1.30 1.08 -41.66
CA GLN A 46 2.15 0.77 -40.50
C GLN A 46 1.42 1.12 -39.20
N VAL A 47 0.17 1.55 -39.31
CA VAL A 47 -0.61 1.95 -38.13
C VAL A 47 -1.64 0.89 -37.77
N TRP A 48 -1.69 0.59 -36.47
CA TRP A 48 -2.50 -0.49 -35.92
C TRP A 48 -3.30 -0.02 -34.72
N GLY A 49 -4.42 -0.70 -34.45
CA GLY A 49 -5.24 -0.40 -33.31
C GLY A 49 -5.79 -1.68 -32.71
N LEU A 50 -5.69 -1.79 -31.39
CA LEU A 50 -6.11 -2.99 -30.68
C LEU A 50 -7.59 -2.89 -30.30
N ASP A 51 -8.45 -3.73 -30.89
CA ASP A 51 -9.89 -3.63 -30.65
C ASP A 51 -10.33 -4.36 -29.38
N LYS A 52 -11.62 -4.32 -29.09
CA LYS A 52 -12.15 -4.88 -27.85
C LYS A 52 -12.06 -6.41 -27.82
N GLU A 53 -11.82 -7.03 -28.98
CA GLU A 53 -11.69 -8.48 -29.04
C GLU A 53 -10.22 -8.86 -29.20
N GLU A 54 -9.33 -7.96 -28.78
CA GLU A 54 -7.87 -8.19 -28.75
C GLU A 54 -7.23 -8.42 -30.12
N ARG A 55 -7.88 -7.93 -31.18
CA ARG A 55 -7.31 -7.98 -32.53
C ARG A 55 -6.60 -6.67 -32.87
N TYR A 56 -5.51 -6.77 -33.62
CA TYR A 56 -4.80 -5.60 -34.13
C TYR A 56 -5.30 -5.28 -35.52
N ARG A 57 -6.17 -4.26 -35.62
CA ARG A 57 -6.77 -3.87 -36.90
C ARG A 57 -5.90 -2.82 -37.60
N SER A 58 -5.56 -3.09 -38.86
CA SER A 58 -4.72 -2.19 -39.66
C SER A 58 -5.56 -1.03 -40.21
N ARG A 59 -4.91 0.13 -40.40
CA ARG A 59 -5.60 1.29 -40.99
C ARG A 59 -5.66 1.26 -42.52
N VAL A 60 -5.19 0.18 -43.16
CA VAL A 60 -5.19 0.10 -44.61
C VAL A 60 -6.61 0.10 -45.19
N ALA A 61 -7.53 -0.54 -44.48
CA ALA A 61 -8.91 -0.65 -44.94
C ALA A 61 -9.71 -1.27 -43.83
N SER A 62 -11.03 -1.25 -43.97
CA SER A 62 -11.88 -1.87 -42.97
C SER A 62 -11.69 -3.38 -43.02
N ASP A 63 -11.89 -4.05 -41.89
CA ASP A 63 -11.97 -5.51 -41.87
C ASP A 63 -10.63 -6.16 -42.27
N ARG A 64 -9.55 -5.73 -41.65
CA ARG A 64 -8.24 -6.33 -41.85
C ARG A 64 -7.52 -6.42 -40.51
N CYS A 65 -7.34 -7.65 -40.03
CA CYS A 65 -6.75 -7.94 -38.72
C CYS A 65 -5.46 -8.72 -38.86
N LEU A 66 -4.51 -8.44 -37.99
CA LEU A 66 -3.25 -9.17 -37.96
C LEU A 66 -3.48 -10.63 -37.57
N THR A 67 -3.07 -11.53 -38.45
CA THR A 67 -3.40 -12.94 -38.34
C THR A 67 -2.19 -13.85 -38.40
N VAL A 68 -2.05 -14.74 -37.43
CA VAL A 68 -1.02 -15.77 -37.46
C VAL A 68 -1.50 -16.89 -38.36
N ASN A 69 -0.67 -17.24 -39.34
CA ASN A 69 -0.94 -18.38 -40.23
C ASN A 69 -0.29 -19.66 -39.69
N ALA A 70 -0.65 -20.80 -40.27
CA ALA A 70 -0.07 -22.08 -39.87
C ALA A 70 1.42 -22.12 -40.20
N ASP A 71 1.84 -21.33 -41.18
CA ASP A 71 3.24 -21.21 -41.54
C ASP A 71 3.96 -20.24 -40.59
N LYS A 72 3.25 -19.86 -39.52
CA LYS A 72 3.70 -18.83 -38.56
C LYS A 72 4.05 -17.50 -39.24
N THR A 73 3.63 -17.36 -40.49
CA THR A 73 3.78 -16.10 -41.21
C THR A 73 2.62 -15.20 -40.86
N LEU A 74 2.73 -13.92 -41.19
CA LEU A 74 1.72 -12.94 -40.78
C LEU A 74 0.99 -12.40 -41.99
N THR A 75 -0.33 -12.28 -41.89
CA THR A 75 -1.11 -11.60 -42.91
C THR A 75 -2.16 -10.70 -42.27
N VAL A 76 -2.90 -9.97 -43.09
CA VAL A 76 -4.13 -9.31 -42.67
C VAL A 76 -5.31 -10.05 -43.32
N GLU A 77 -6.38 -10.26 -42.56
CA GLU A 77 -7.54 -11.04 -42.97
C GLU A 77 -8.84 -10.43 -42.48
N GLN A 78 -9.96 -10.98 -42.92
CA GLN A 78 -11.27 -10.57 -42.44
C GLN A 78 -11.35 -10.82 -40.93
N CYS A 79 -11.99 -9.92 -40.20
CA CYS A 79 -12.07 -10.04 -38.76
C CYS A 79 -13.01 -11.15 -38.33
N GLY A 80 -12.55 -11.95 -37.38
CA GLY A 80 -13.24 -13.13 -36.89
C GLY A 80 -12.92 -13.40 -35.43
N ALA A 81 -13.36 -14.56 -34.96
CA ALA A 81 -13.29 -14.92 -33.55
C ALA A 81 -12.02 -15.70 -33.18
N ASN A 82 -11.31 -16.14 -34.20
CA ASN A 82 -10.18 -17.05 -34.06
C ASN A 82 -9.07 -16.49 -33.19
N LEU A 83 -8.44 -17.38 -32.41
CA LEU A 83 -7.38 -16.96 -31.50
C LEU A 83 -6.14 -16.50 -32.29
N ALA A 84 -5.98 -17.03 -33.50
CA ALA A 84 -4.84 -16.69 -34.34
C ALA A 84 -4.80 -15.19 -34.66
N GLN A 85 -5.87 -14.48 -34.31
CA GLN A 85 -5.99 -13.03 -34.49
C GLN A 85 -5.92 -12.28 -33.16
N LYS A 86 -5.70 -12.99 -32.06
CA LYS A 86 -5.69 -12.32 -30.77
C LYS A 86 -4.28 -12.10 -30.24
N TRP A 87 -4.06 -10.92 -29.68
CA TRP A 87 -2.74 -10.53 -29.22
C TRP A 87 -2.84 -9.90 -27.85
N TYR A 88 -1.78 -10.03 -27.05
CA TYR A 88 -1.70 -9.28 -25.79
C TYR A 88 -0.25 -8.97 -25.43
N TRP A 89 -0.05 -7.90 -24.65
CA TRP A 89 1.30 -7.48 -24.26
C TRP A 89 1.76 -8.07 -22.92
N GLU A 90 3.06 -8.36 -22.84
CA GLU A 90 3.74 -8.64 -21.56
C GLU A 90 5.05 -7.87 -21.58
N GLY A 91 5.06 -6.69 -20.96
CA GLY A 91 6.17 -5.76 -21.09
C GLY A 91 6.33 -5.35 -22.56
N ASP A 92 7.50 -5.60 -23.14
CA ASP A 92 7.72 -5.26 -24.55
C ASP A 92 7.61 -6.47 -25.50
N LYS A 93 7.02 -7.55 -25.02
CA LYS A 93 6.74 -8.72 -25.84
C LYS A 93 5.29 -8.68 -26.27
N LEU A 94 5.06 -8.99 -27.54
CA LEU A 94 3.72 -9.05 -28.11
C LEU A 94 3.40 -10.47 -28.47
N ILE A 95 2.45 -11.03 -27.73
CA ILE A 95 2.22 -12.47 -27.70
C ILE A 95 0.89 -12.82 -28.39
N SER A 96 0.94 -13.86 -29.22
CA SER A 96 -0.27 -14.39 -29.85
C SER A 96 -1.02 -15.35 -28.91
N ARG A 97 -2.32 -15.44 -29.10
CA ARG A 97 -3.17 -16.40 -28.39
C ARG A 97 -3.34 -17.69 -29.19
N TYR A 98 -2.61 -17.78 -30.29
CA TYR A 98 -2.65 -18.96 -31.14
C TYR A 98 -2.16 -20.17 -30.32
N VAL A 99 -2.85 -21.31 -30.43
CA VAL A 99 -2.46 -22.55 -29.74
C VAL A 99 -2.24 -23.69 -30.74
N ASP A 100 -1.32 -24.59 -30.40
CA ASP A 100 -1.12 -25.83 -31.16
C ASP A 100 -0.52 -26.90 -30.25
N GLY A 101 0.14 -27.90 -30.85
CA GLY A 101 0.62 -29.04 -30.10
C GLY A 101 1.91 -28.79 -29.34
N ASN A 102 2.69 -27.81 -29.78
CA ASN A 102 4.02 -27.60 -29.21
C ASN A 102 3.99 -27.12 -27.76
N ASN A 103 2.79 -26.92 -27.20
CA ASN A 103 2.63 -26.46 -25.82
C ASN A 103 3.43 -25.17 -25.54
N THR A 104 3.36 -24.23 -26.47
CA THR A 104 4.19 -23.02 -26.43
C THR A 104 3.41 -21.74 -26.72
N ARG A 105 3.94 -20.61 -26.25
CA ARG A 105 3.43 -19.30 -26.64
C ARG A 105 4.26 -18.77 -27.82
N TYR A 106 3.59 -18.11 -28.76
CA TYR A 106 4.26 -17.49 -29.89
C TYR A 106 4.39 -15.98 -29.74
N LEU A 107 5.59 -15.47 -30.04
CA LEU A 107 5.89 -14.05 -29.91
C LEU A 107 6.13 -13.39 -31.27
N LEU A 108 5.62 -12.18 -31.43
CA LEU A 108 5.96 -11.37 -32.60
C LEU A 108 7.49 -11.22 -32.63
N ASN A 109 8.14 -11.60 -33.72
CA ASN A 109 9.60 -11.66 -33.74
C ASN A 109 10.21 -11.39 -35.12
N ILE A 110 11.36 -10.72 -35.15
CA ILE A 110 12.11 -10.54 -36.40
C ILE A 110 12.92 -11.80 -36.66
N VAL A 111 12.75 -12.36 -37.86
CA VAL A 111 13.37 -13.63 -38.23
C VAL A 111 14.28 -13.46 -39.44
N GLY A 112 15.02 -12.37 -39.49
CA GLY A 112 16.05 -12.18 -40.50
C GLY A 112 15.76 -11.04 -41.44
N GLY A 113 16.63 -10.03 -41.41
CA GLY A 113 16.47 -8.88 -42.25
C GLY A 113 15.22 -8.10 -41.88
N ARG A 114 14.29 -8.04 -42.83
CA ARG A 114 13.02 -7.34 -42.66
C ARG A 114 11.86 -8.32 -42.46
N ASN A 115 12.15 -9.61 -42.35
CA ASN A 115 11.10 -10.62 -42.21
C ASN A 115 10.61 -10.67 -40.75
N VAL A 116 9.29 -10.65 -40.55
CA VAL A 116 8.69 -10.67 -39.21
C VAL A 116 7.64 -11.76 -39.15
N GLN A 117 7.72 -12.62 -38.14
CA GLN A 117 6.80 -13.75 -38.00
C GLN A 117 6.52 -13.96 -36.50
N VAL A 118 5.75 -14.98 -36.14
CA VAL A 118 5.70 -15.34 -34.71
C VAL A 118 6.60 -16.54 -34.47
N THR A 119 7.20 -16.56 -33.29
CA THR A 119 8.26 -17.50 -32.97
C THR A 119 8.04 -18.02 -31.57
N PRO A 120 8.36 -19.31 -31.31
CA PRO A 120 8.23 -19.82 -29.94
C PRO A 120 8.93 -18.90 -28.95
N GLU A 121 8.36 -18.75 -27.76
CA GLU A 121 8.89 -17.85 -26.75
C GLU A 121 10.36 -18.17 -26.44
N ASN A 122 10.67 -19.46 -26.40
CA ASN A 122 12.02 -19.91 -26.09
C ASN A 122 13.04 -19.42 -27.09
N GLU A 123 12.61 -19.23 -28.34
CA GLU A 123 13.52 -18.99 -29.46
C GLU A 123 13.46 -17.54 -30.00
N ALA A 124 12.67 -16.68 -29.35
CA ALA A 124 12.41 -15.33 -29.86
C ALA A 124 13.45 -14.31 -29.37
N ASN A 125 14.58 -14.21 -30.07
CA ASN A 125 15.70 -13.37 -29.65
C ASN A 125 15.63 -11.89 -30.08
N GLN A 126 14.71 -11.55 -30.99
CA GLN A 126 14.57 -10.17 -31.46
C GLN A 126 13.09 -9.76 -31.46
N ALA A 127 12.46 -10.00 -30.31
CA ALA A 127 11.01 -9.92 -30.17
C ALA A 127 10.56 -8.79 -29.25
N ARG A 128 11.39 -7.78 -29.07
CA ARG A 128 11.02 -6.62 -28.27
C ARG A 128 10.31 -5.61 -29.15
N TRP A 129 9.18 -5.05 -28.68
CA TRP A 129 8.42 -4.08 -29.48
C TRP A 129 7.91 -2.95 -28.62
N LYS A 130 7.70 -1.80 -29.25
CA LYS A 130 7.16 -0.63 -28.58
C LYS A 130 5.98 -0.09 -29.38
N PRO A 131 4.77 -0.17 -28.80
CA PRO A 131 3.62 0.45 -29.47
C PRO A 131 3.64 1.96 -29.28
N THR A 132 3.74 2.71 -30.36
CA THR A 132 3.98 4.15 -30.29
C THR A 132 2.76 4.94 -30.71
N LEU A 133 2.20 5.71 -29.77
CA LEU A 133 1.00 6.54 -30.02
C LEU A 133 1.23 7.45 -31.22
N GLN A 134 0.17 7.68 -32.00
CA GLN A 134 0.29 8.39 -33.27
C GLN A 134 -0.70 9.54 -33.38
N GLN A 135 -0.18 10.74 -33.64
CA GLN A 135 -1.01 11.92 -33.89
C GLN A 135 -0.13 13.17 -34.00
N MET B 4 7.30 20.63 -24.12
CA MET B 4 8.43 19.89 -23.57
C MET B 4 9.39 20.84 -22.84
N ALA B 5 10.13 20.28 -21.88
CA ALA B 5 11.02 21.07 -21.03
C ALA B 5 12.45 21.13 -21.57
N HIS B 6 12.99 22.34 -21.69
CA HIS B 6 14.36 22.54 -22.13
C HIS B 6 15.36 22.44 -20.99
N VAL B 7 16.38 21.60 -21.16
CA VAL B 7 17.35 21.35 -20.11
C VAL B 7 18.77 21.44 -20.61
N THR B 8 19.69 21.69 -19.69
CA THR B 8 21.09 21.37 -19.90
C THR B 8 21.32 19.98 -19.33
N LEU B 9 22.19 19.21 -19.99
CA LEU B 9 22.57 17.88 -19.52
C LEU B 9 23.94 17.96 -18.87
N GLN B 10 23.94 18.07 -17.54
CA GLN B 10 25.19 18.26 -16.80
C GLN B 10 25.65 16.98 -16.13
N SER B 11 26.94 16.70 -16.26
CA SER B 11 27.52 15.50 -15.70
C SER B 11 27.63 15.59 -14.19
N LEU B 12 27.35 14.46 -13.54
CA LEU B 12 27.57 14.34 -12.10
C LEU B 12 28.86 13.58 -11.80
N SER B 13 29.59 13.24 -12.86
CA SER B 13 30.84 12.49 -12.76
C SER B 13 32.06 13.38 -12.96
N ASN B 14 31.79 14.64 -13.29
CA ASN B 14 32.81 15.62 -13.58
C ASN B 14 32.35 16.95 -13.02
N ASN B 15 33.26 17.65 -12.35
CA ASN B 15 32.89 18.84 -11.60
C ASN B 15 32.35 20.02 -12.41
N ASP B 16 32.53 20.00 -13.72
CA ASP B 16 31.96 21.03 -14.58
C ASP B 16 32.02 20.60 -16.03
N LEU B 17 30.96 19.92 -16.49
CA LEU B 17 30.89 19.45 -17.86
C LEU B 17 29.44 19.30 -18.27
N CYS B 18 29.12 19.87 -19.43
CA CYS B 18 27.78 19.87 -20.00
C CYS B 18 27.82 19.29 -21.39
N LEU B 19 26.75 18.61 -21.80
CA LEU B 19 26.69 18.07 -23.15
C LEU B 19 26.54 19.25 -24.08
N ASP B 20 27.37 19.28 -25.11
CA ASP B 20 27.62 20.52 -25.86
C ASP B 20 27.80 20.25 -27.35
N VAL B 21 27.09 21.00 -28.18
CA VAL B 21 27.26 20.89 -29.63
C VAL B 21 28.49 21.68 -30.07
N TYR B 22 29.53 20.97 -30.51
CA TYR B 22 30.74 21.61 -30.98
C TYR B 22 30.50 22.30 -32.34
N GLY B 23 29.83 21.57 -33.22
CA GLY B 23 29.58 22.06 -34.56
C GLY B 23 30.76 21.83 -35.49
N GLU B 24 30.71 22.48 -36.65
CA GLU B 24 31.73 22.35 -37.67
C GLU B 24 32.43 23.70 -37.85
N ASN B 25 33.74 23.71 -37.62
CA ASN B 25 34.59 24.89 -37.82
C ASN B 25 34.05 26.14 -37.12
N GLY B 26 33.49 25.95 -35.92
CA GLY B 26 32.94 27.04 -35.13
C GLY B 26 31.44 27.21 -35.31
N ASP B 27 30.91 26.69 -36.41
CA ASP B 27 29.49 26.76 -36.70
C ASP B 27 28.70 25.62 -36.03
N LYS B 28 27.87 25.97 -35.05
CA LYS B 28 27.23 24.97 -34.19
C LYS B 28 25.84 24.50 -34.69
N THR B 29 25.45 24.91 -35.90
CA THR B 29 24.09 24.62 -36.38
C THR B 29 24.03 23.60 -37.52
N VAL B 30 25.17 23.16 -38.04
CA VAL B 30 25.16 22.30 -39.21
C VAL B 30 24.77 20.87 -38.85
N ALA B 31 24.00 20.21 -39.70
CA ALA B 31 23.73 18.79 -39.53
C ALA B 31 25.04 18.02 -39.61
N GLY B 32 25.21 17.03 -38.73
CA GLY B 32 26.46 16.28 -38.66
C GLY B 32 27.45 16.90 -37.68
N GLY B 33 27.06 18.00 -37.07
CA GLY B 33 27.90 18.69 -36.09
C GLY B 33 28.24 17.81 -34.92
N SER B 34 29.46 17.95 -34.39
CA SER B 34 29.90 17.08 -33.32
C SER B 34 29.36 17.52 -31.95
N VAL B 35 29.19 16.53 -31.09
CA VAL B 35 28.71 16.74 -29.73
C VAL B 35 29.71 16.12 -28.77
N ASN B 36 30.14 16.92 -27.80
CA ASN B 36 31.04 16.50 -26.74
C ASN B 36 30.80 17.33 -25.45
N GLY B 37 31.79 17.40 -24.58
CA GLY B 37 31.65 18.09 -23.30
C GLY B 37 32.33 19.45 -23.26
N TRP B 38 31.78 20.34 -22.46
CA TRP B 38 32.33 21.68 -22.25
C TRP B 38 31.87 22.21 -20.90
N SER B 39 32.64 23.14 -20.34
CA SER B 39 32.23 23.82 -19.12
C SER B 39 30.87 24.46 -19.37
N CYS B 40 30.02 24.44 -18.36
CA CYS B 40 28.64 24.91 -18.49
C CYS B 40 28.55 26.41 -18.61
N HIS B 41 27.76 26.88 -19.58
CA HIS B 41 27.46 28.30 -19.68
C HIS B 41 25.99 28.53 -20.04
N GLY B 42 25.31 27.48 -20.48
CA GLY B 42 23.87 27.58 -20.71
C GLY B 42 23.47 28.19 -22.05
N SER B 43 24.41 28.76 -22.81
CA SER B 43 24.13 29.24 -24.17
C SER B 43 23.43 28.15 -25.00
N TRP B 44 22.84 28.53 -26.14
CA TRP B 44 21.86 27.68 -26.82
C TRP B 44 22.38 26.30 -27.33
N ASN B 45 23.70 26.13 -27.46
CA ASN B 45 24.25 24.84 -27.90
C ASN B 45 24.52 23.85 -26.77
N GLN B 46 24.03 24.16 -25.57
CA GLN B 46 24.09 23.25 -24.43
C GLN B 46 22.69 23.04 -23.87
N VAL B 47 21.69 23.36 -24.69
CA VAL B 47 20.31 23.25 -24.26
C VAL B 47 19.61 22.22 -25.12
N TRP B 48 18.85 21.35 -24.44
CA TRP B 48 18.24 20.20 -25.06
C TRP B 48 16.80 20.06 -24.59
N GLY B 49 15.99 19.36 -25.38
CA GLY B 49 14.62 19.05 -24.99
C GLY B 49 14.27 17.66 -25.49
N LEU B 50 13.65 16.87 -24.62
CA LEU B 50 13.26 15.51 -24.93
C LEU B 50 11.83 15.45 -25.48
N ASP B 51 11.67 15.08 -26.76
CA ASP B 51 10.34 15.08 -27.38
C ASP B 51 9.60 13.75 -27.14
N LYS B 52 8.39 13.64 -27.69
CA LYS B 52 7.52 12.49 -27.41
C LYS B 52 8.01 11.20 -28.08
N GLU B 53 8.80 11.34 -29.14
CA GLU B 53 9.40 10.18 -29.81
C GLU B 53 10.75 9.81 -29.16
N GLU B 54 11.04 10.43 -28.00
CA GLU B 54 12.23 10.16 -27.19
C GLU B 54 13.54 10.69 -27.78
N ARG B 55 13.47 11.77 -28.53
CA ARG B 55 14.67 12.38 -29.11
C ARG B 55 15.07 13.62 -28.32
N TYR B 56 16.36 13.75 -28.04
CA TYR B 56 16.87 14.98 -27.42
C TYR B 56 17.18 15.99 -28.50
N ARG B 57 16.27 16.94 -28.68
CA ARG B 57 16.41 17.98 -29.67
C ARG B 57 17.30 19.09 -29.15
N SER B 58 18.22 19.54 -29.99
CA SER B 58 19.15 20.60 -29.64
C SER B 58 18.55 21.96 -29.99
N ARG B 59 18.83 22.97 -29.16
CA ARG B 59 18.25 24.29 -29.36
C ARG B 59 19.10 25.15 -30.29
N VAL B 60 20.10 24.55 -30.93
CA VAL B 60 20.92 25.28 -31.90
C VAL B 60 20.12 25.71 -33.13
N ALA B 61 19.15 24.87 -33.51
CA ALA B 61 18.33 25.09 -34.71
C ALA B 61 17.26 23.99 -34.76
N SER B 62 16.23 24.19 -35.58
CA SER B 62 15.21 23.17 -35.77
C SER B 62 15.87 21.92 -36.35
N ASP B 63 15.25 20.77 -36.11
CA ASP B 63 15.69 19.50 -36.70
C ASP B 63 17.17 19.18 -36.42
N ARG B 64 17.51 19.14 -35.14
CA ARG B 64 18.82 18.68 -34.71
C ARG B 64 18.66 17.80 -33.47
N CYS B 65 18.76 16.50 -33.67
CA CYS B 65 18.56 15.49 -32.65
C CYS B 65 19.88 14.83 -32.30
N LEU B 66 20.13 14.69 -31.00
CA LEU B 66 21.31 13.97 -30.52
C LEU B 66 21.33 12.54 -31.05
N THR B 67 22.41 12.17 -31.74
CA THR B 67 22.44 10.91 -32.47
C THR B 67 23.71 10.08 -32.19
N VAL B 68 23.52 8.82 -31.85
CA VAL B 68 24.61 7.87 -31.74
C VAL B 68 25.05 7.47 -33.13
N ASN B 69 26.34 7.57 -33.41
CA ASN B 69 26.89 7.08 -34.68
C ASN B 69 27.41 5.66 -34.53
N ALA B 70 27.72 5.05 -35.67
CA ALA B 70 28.24 3.69 -35.72
C ALA B 70 29.46 3.51 -34.84
N ASP B 71 30.27 4.56 -34.72
CA ASP B 71 31.52 4.52 -33.97
C ASP B 71 31.31 5.02 -32.54
N LYS B 72 30.05 5.06 -32.12
CA LYS B 72 29.66 5.39 -30.76
C LYS B 72 29.95 6.85 -30.38
N THR B 73 30.31 7.68 -31.36
CA THR B 73 30.43 9.13 -31.08
C THR B 73 29.10 9.81 -31.32
N LEU B 74 29.03 11.09 -30.95
CA LEU B 74 27.78 11.82 -30.96
C LEU B 74 27.76 13.00 -31.93
N THR B 75 26.63 13.12 -32.63
CA THR B 75 26.37 14.27 -33.47
C THR B 75 24.94 14.72 -33.30
N VAL B 76 24.60 15.83 -33.94
CA VAL B 76 23.21 16.23 -34.10
C VAL B 76 22.83 16.04 -35.56
N GLU B 77 21.62 15.54 -35.78
CA GLU B 77 21.16 15.21 -37.13
C GLU B 77 19.69 15.56 -37.27
N GLN B 78 19.24 15.55 -38.51
CA GLN B 78 17.82 15.65 -38.81
C GLN B 78 17.05 14.60 -38.05
N CYS B 79 15.86 14.98 -37.59
CA CYS B 79 15.07 14.11 -36.75
C CYS B 79 14.33 13.02 -37.54
N GLY B 80 14.58 11.77 -37.15
CA GLY B 80 13.98 10.60 -37.77
C GLY B 80 13.59 9.54 -36.76
N ALA B 81 13.30 8.33 -37.22
CA ALA B 81 12.72 7.29 -36.36
C ALA B 81 13.75 6.32 -35.79
N ASN B 82 15.01 6.45 -36.20
CA ASN B 82 16.04 5.52 -35.74
C ASN B 82 16.24 5.51 -34.21
N LEU B 83 16.46 4.32 -33.65
CA LEU B 83 16.68 4.20 -32.21
C LEU B 83 17.97 4.88 -31.82
N ALA B 84 18.82 5.12 -32.80
CA ALA B 84 20.07 5.82 -32.57
C ALA B 84 19.80 7.22 -32.05
N GLN B 85 18.60 7.72 -32.29
CA GLN B 85 18.19 9.04 -31.79
C GLN B 85 17.28 8.97 -30.57
N LYS B 86 17.07 7.78 -30.03
CA LYS B 86 16.14 7.61 -28.92
C LYS B 86 16.82 7.39 -27.58
N TRP B 87 16.36 8.12 -26.58
CA TRP B 87 16.97 8.11 -25.26
C TRP B 87 15.93 7.93 -24.16
N TYR B 88 16.35 7.32 -23.06
CA TYR B 88 15.51 7.23 -21.88
C TYR B 88 16.38 7.20 -20.63
N TRP B 89 15.78 7.63 -19.52
CA TRP B 89 16.49 7.75 -18.26
C TRP B 89 16.22 6.57 -17.35
N GLU B 90 17.26 6.16 -16.61
CA GLU B 90 17.11 5.30 -15.43
C GLU B 90 17.90 5.88 -14.29
N GLY B 91 17.25 6.60 -13.39
CA GLY B 91 17.99 7.34 -12.38
C GLY B 91 18.80 8.40 -13.08
N ASP B 92 20.11 8.46 -12.80
CA ASP B 92 20.98 9.48 -13.37
C ASP B 92 21.76 8.94 -14.58
N LYS B 93 21.33 7.78 -15.09
CA LYS B 93 21.91 7.21 -16.29
C LYS B 93 21.03 7.55 -17.47
N LEU B 94 21.66 8.03 -18.54
CA LEU B 94 20.97 8.36 -19.78
C LEU B 94 21.34 7.33 -20.84
N ILE B 95 20.36 6.51 -21.19
CA ILE B 95 20.56 5.29 -21.96
C ILE B 95 20.01 5.46 -23.36
N SER B 96 20.76 4.95 -24.34
CA SER B 96 20.37 4.97 -25.74
C SER B 96 19.68 3.67 -26.11
N ARG B 97 18.72 3.74 -27.02
CA ARG B 97 18.05 2.54 -27.50
C ARG B 97 18.82 1.83 -28.59
N TYR B 98 19.98 2.37 -28.95
CA TYR B 98 20.77 1.85 -30.07
C TYR B 98 21.11 0.36 -29.82
N VAL B 99 21.01 -0.46 -30.87
CA VAL B 99 21.33 -1.89 -30.76
C VAL B 99 22.41 -2.29 -31.77
N ASP B 100 23.11 -3.37 -31.44
CA ASP B 100 24.08 -3.99 -32.36
C ASP B 100 24.36 -5.43 -31.91
N GLY B 101 25.41 -6.02 -32.47
CA GLY B 101 25.75 -7.41 -32.21
C GLY B 101 26.26 -7.73 -30.81
N ASN B 102 26.66 -6.71 -30.05
CA ASN B 102 27.33 -6.93 -28.76
C ASN B 102 26.39 -7.17 -27.59
N ASN B 103 25.08 -7.15 -27.84
CA ASN B 103 24.07 -7.40 -26.80
C ASN B 103 24.36 -6.64 -25.50
N THR B 104 24.37 -5.32 -25.63
CA THR B 104 24.52 -4.46 -24.48
C THR B 104 23.67 -3.20 -24.68
N ARG B 105 23.36 -2.54 -23.57
CA ARG B 105 22.83 -1.19 -23.61
C ARG B 105 24.01 -0.23 -23.60
N TYR B 106 23.87 0.92 -24.26
CA TYR B 106 24.91 1.94 -24.26
C TYR B 106 24.46 3.17 -23.50
N LEU B 107 25.36 3.72 -22.69
CA LEU B 107 25.11 4.89 -21.84
C LEU B 107 25.94 6.09 -22.23
N LEU B 108 25.35 7.28 -22.12
CA LEU B 108 26.11 8.53 -22.26
C LEU B 108 27.22 8.55 -21.24
N ASN B 109 28.46 8.70 -21.70
CA ASN B 109 29.62 8.53 -20.83
C ASN B 109 30.80 9.42 -21.23
N ILE B 110 31.51 9.93 -20.23
CA ILE B 110 32.75 10.66 -20.47
C ILE B 110 33.90 9.65 -20.58
N VAL B 111 34.47 9.49 -21.77
CA VAL B 111 35.54 8.52 -21.96
C VAL B 111 36.92 9.08 -21.58
N GLY B 112 37.20 10.30 -22.02
CA GLY B 112 38.45 10.97 -21.69
C GLY B 112 38.30 12.48 -21.73
N GLY B 113 38.60 13.14 -20.62
CA GLY B 113 38.65 14.59 -20.59
C GLY B 113 37.31 15.21 -20.90
N ARG B 114 37.18 15.76 -22.11
CA ARG B 114 35.94 16.41 -22.53
C ARG B 114 35.26 15.63 -23.64
N ASN B 115 35.83 14.47 -23.98
CA ASN B 115 35.23 13.61 -24.96
C ASN B 115 34.06 12.84 -24.34
N VAL B 116 32.92 12.93 -25.00
CA VAL B 116 31.70 12.29 -24.53
C VAL B 116 31.18 11.39 -25.62
N GLN B 117 31.02 10.12 -25.29
CA GLN B 117 30.51 9.13 -26.22
C GLN B 117 29.44 8.31 -25.50
N VAL B 118 28.98 7.24 -26.15
CA VAL B 118 28.24 6.22 -25.43
C VAL B 118 29.17 5.03 -25.22
N THR B 119 28.89 4.24 -24.19
CA THR B 119 29.77 3.21 -23.69
C THR B 119 28.91 2.04 -23.22
N PRO B 120 29.34 0.78 -23.49
CA PRO B 120 28.62 -0.36 -22.90
C PRO B 120 28.40 -0.19 -21.43
N GLU B 121 27.22 -0.58 -20.96
CA GLU B 121 26.78 -0.28 -19.61
C GLU B 121 27.76 -0.77 -18.54
N ASN B 122 28.32 -1.95 -18.72
CA ASN B 122 29.13 -2.56 -17.68
C ASN B 122 30.51 -1.90 -17.56
N GLU B 123 30.87 -1.08 -18.55
CA GLU B 123 32.17 -0.40 -18.56
C GLU B 123 32.02 1.13 -18.48
N ALA B 124 30.81 1.61 -18.15
CA ALA B 124 30.53 3.06 -18.11
C ALA B 124 30.62 3.62 -16.69
N ASN B 125 31.67 4.40 -16.44
CA ASN B 125 32.03 4.77 -15.08
C ASN B 125 32.05 6.28 -14.86
N GLN B 126 31.84 7.05 -15.92
CA GLN B 126 31.62 8.48 -15.79
C GLN B 126 30.34 8.85 -16.52
N ALA B 127 29.26 8.17 -16.14
CA ALA B 127 28.01 8.16 -16.89
C ALA B 127 26.84 8.71 -16.09
N ARG B 128 27.11 9.51 -15.07
CA ARG B 128 26.05 10.10 -14.27
C ARG B 128 25.73 11.48 -14.81
N TRP B 129 24.43 11.73 -15.00
CA TRP B 129 23.95 12.96 -15.61
C TRP B 129 22.72 13.50 -14.92
N LYS B 130 22.55 14.82 -14.95
CA LYS B 130 21.38 15.45 -14.39
C LYS B 130 20.72 16.41 -15.41
N PRO B 131 19.46 16.17 -15.78
CA PRO B 131 18.82 17.11 -16.71
C PRO B 131 18.35 18.32 -15.94
N THR B 132 18.99 19.46 -16.15
CA THR B 132 18.75 20.63 -15.33
C THR B 132 17.93 21.66 -16.07
N LEU B 133 16.81 22.07 -15.47
CA LEU B 133 15.90 22.99 -16.15
C LEU B 133 16.52 24.38 -16.34
N GLN B 134 16.29 24.98 -17.51
CA GLN B 134 16.86 26.28 -17.84
C GLN B 134 15.89 27.42 -17.53
N MET C 4 11.97 30.67 -2.26
CA MET C 4 13.22 30.17 -1.69
C MET C 4 13.34 30.55 -0.20
N ALA C 5 13.25 29.55 0.66
CA ALA C 5 13.21 29.80 2.11
C ALA C 5 14.60 30.16 2.65
N HIS C 6 14.63 31.19 3.50
CA HIS C 6 15.85 31.54 4.22
C HIS C 6 15.94 30.68 5.48
N VAL C 7 17.10 30.07 5.72
CA VAL C 7 17.30 29.17 6.85
C VAL C 7 18.63 29.38 7.57
N THR C 8 18.74 28.88 8.81
CA THR C 8 20.05 28.60 9.37
C THR C 8 20.34 27.09 9.13
N LEU C 9 21.61 26.75 9.04
CA LEU C 9 22.04 25.36 8.94
C LEU C 9 22.59 25.01 10.31
N GLN C 10 21.72 24.48 11.17
CA GLN C 10 22.11 24.17 12.53
C GLN C 10 22.49 22.72 12.66
N SER C 11 23.62 22.48 13.33
CA SER C 11 24.06 21.12 13.62
C SER C 11 23.13 20.42 14.59
N LEU C 12 22.85 19.14 14.35
CA LEU C 12 22.24 18.24 15.34
C LEU C 12 23.31 17.31 15.96
N SER C 13 24.59 17.61 15.71
CA SER C 13 25.69 16.84 16.27
C SER C 13 26.42 17.62 17.33
N ASN C 14 25.97 18.83 17.62
CA ASN C 14 26.61 19.73 18.56
C ASN C 14 25.53 20.59 19.18
N ASN C 15 25.53 20.77 20.49
CA ASN C 15 24.41 21.42 21.14
C ASN C 15 24.14 22.84 20.68
N ASP C 16 25.12 23.48 20.03
CA ASP C 16 24.94 24.83 19.54
C ASP C 16 26.00 25.18 18.53
N LEU C 17 25.74 24.84 17.28
CA LEU C 17 26.66 25.19 16.22
C LEU C 17 25.84 25.36 14.98
N CYS C 18 26.05 26.50 14.34
CA CYS C 18 25.45 26.86 13.03
C CYS C 18 26.53 27.11 11.99
N LEU C 19 26.23 26.87 10.72
CA LEU C 19 27.20 27.12 9.67
C LEU C 19 27.36 28.62 9.50
N ASP C 20 28.60 29.12 9.54
CA ASP C 20 28.89 30.53 9.80
C ASP C 20 30.01 31.04 8.84
N VAL C 21 29.80 32.19 8.22
CA VAL C 21 30.87 32.78 7.38
C VAL C 21 31.80 33.55 8.29
N TYR C 22 32.98 33.02 8.53
CA TYR C 22 33.97 33.73 9.34
C TYR C 22 34.48 34.92 8.59
N GLY C 23 34.74 34.72 7.30
CA GLY C 23 35.36 35.75 6.47
C GLY C 23 36.87 35.74 6.53
N GLU C 24 37.45 36.92 6.38
CA GLU C 24 38.88 37.14 6.51
C GLU C 24 39.04 38.50 7.20
N ASN C 25 39.57 38.49 8.43
CA ASN C 25 39.88 39.73 9.16
C ASN C 25 38.69 40.63 9.50
N GLY C 26 37.58 40.02 9.95
CA GLY C 26 36.40 40.78 10.36
C GLY C 26 35.39 41.07 9.25
N ASP C 27 35.85 41.05 8.01
CA ASP C 27 34.98 41.28 6.86
C ASP C 27 34.33 39.99 6.39
N LYS C 28 33.01 39.89 6.56
CA LYS C 28 32.30 38.65 6.22
C LYS C 28 32.04 38.57 4.71
N THR C 29 32.06 39.72 4.05
CA THR C 29 31.52 39.82 2.69
C THR C 29 32.49 39.40 1.59
N VAL C 30 33.75 39.17 1.96
CA VAL C 30 34.82 38.97 0.99
C VAL C 30 34.70 37.61 0.32
N ALA C 31 34.92 37.60 -1.00
CA ALA C 31 35.03 36.34 -1.72
C ALA C 31 36.25 35.58 -1.22
N GLY C 32 36.08 34.28 -1.00
CA GLY C 32 37.15 33.46 -0.46
C GLY C 32 37.10 33.40 1.06
N GLY C 33 36.07 34.04 1.64
CA GLY C 33 35.92 34.04 3.09
C GLY C 33 35.69 32.64 3.61
N SER C 34 36.30 32.33 4.74
CA SER C 34 36.23 31.00 5.30
C SER C 34 34.86 30.77 5.89
N VAL C 35 34.37 29.53 5.81
CA VAL C 35 33.12 29.09 6.42
C VAL C 35 33.45 28.02 7.45
N ASN C 36 32.95 28.20 8.68
CA ASN C 36 33.12 27.21 9.75
C ASN C 36 31.92 27.31 10.67
N GLY C 37 32.10 26.94 11.93
CA GLY C 37 30.98 26.84 12.84
C GLY C 37 31.07 27.85 13.95
N TRP C 38 29.90 28.17 14.50
CA TRP C 38 29.81 29.18 15.55
C TRP C 38 28.48 29.01 16.24
N SER C 39 28.36 29.52 17.46
CA SER C 39 27.07 29.56 18.15
C SER C 39 26.03 30.27 17.30
N CYS C 40 24.80 29.79 17.43
CA CYS C 40 23.64 30.24 16.68
C CYS C 40 23.14 31.59 17.15
N HIS C 41 23.31 32.62 16.34
CA HIS C 41 22.70 33.91 16.66
C HIS C 41 21.80 34.40 15.50
N GLY C 42 21.75 33.65 14.40
CA GLY C 42 20.90 34.02 13.26
C GLY C 42 21.24 35.32 12.54
N SER C 43 22.35 35.97 12.90
CA SER C 43 22.81 37.17 12.18
C SER C 43 23.07 36.84 10.71
N TRP C 44 23.31 37.87 9.91
CA TRP C 44 23.41 37.73 8.45
C TRP C 44 24.41 36.65 7.98
N ASN C 45 25.53 36.50 8.69
CA ASN C 45 26.58 35.57 8.27
C ASN C 45 26.27 34.12 8.67
N GLN C 46 25.03 33.87 9.11
CA GLN C 46 24.54 32.50 9.47
C GLN C 46 23.26 32.13 8.76
N VAL C 47 22.85 32.97 7.81
CA VAL C 47 21.63 32.71 7.08
C VAL C 47 21.98 32.33 5.67
N TRP C 48 21.31 31.27 5.23
CA TRP C 48 21.53 30.64 3.93
C TRP C 48 20.21 30.48 3.18
N GLY C 49 20.28 30.34 1.86
CA GLY C 49 19.12 29.96 1.07
C GLY C 49 19.53 29.04 -0.06
N LEU C 50 18.77 27.97 -0.28
CA LEU C 50 19.09 26.99 -1.34
C LEU C 50 18.44 27.42 -2.65
N ASP C 51 19.22 27.82 -3.67
CA ASP C 51 18.62 28.24 -4.94
C ASP C 51 18.34 27.03 -5.81
N LYS C 52 17.75 27.30 -6.97
CA LYS C 52 17.26 26.29 -7.90
C LYS C 52 18.38 25.50 -8.59
N GLU C 53 19.62 26.02 -8.55
CA GLU C 53 20.78 25.29 -9.05
C GLU C 53 21.45 24.50 -7.93
N GLU C 54 20.77 24.38 -6.79
CA GLU C 54 21.22 23.62 -5.62
C GLU C 54 22.43 24.26 -4.92
N ARG C 55 22.59 25.56 -5.08
CA ARG C 55 23.63 26.27 -4.38
C ARG C 55 23.08 26.86 -3.07
N TYR C 56 23.83 26.78 -1.98
CA TYR C 56 23.43 27.49 -0.78
C TYR C 56 24.03 28.92 -0.81
N ARG C 57 23.15 29.89 -1.04
CA ARG C 57 23.55 31.30 -1.10
C ARG C 57 23.62 31.94 0.29
N SER C 58 24.72 32.63 0.58
CA SER C 58 24.87 33.32 1.87
C SER C 58 24.11 34.64 1.83
N ARG C 59 23.54 35.06 2.96
CA ARG C 59 22.84 36.35 2.99
C ARG C 59 23.85 37.47 3.29
N VAL C 60 25.14 37.15 3.29
CA VAL C 60 26.18 38.10 3.64
C VAL C 60 26.31 39.17 2.55
N ALA C 61 26.16 38.74 1.31
CA ALA C 61 26.28 39.64 0.17
C ALA C 61 25.79 38.90 -1.07
N SER C 62 25.27 39.64 -2.05
CA SER C 62 24.92 39.08 -3.35
C SER C 62 26.05 38.20 -3.90
N ASP C 63 25.69 37.09 -4.54
CA ASP C 63 26.67 36.23 -5.21
C ASP C 63 27.76 35.73 -4.26
N ARG C 64 27.35 35.08 -3.18
CA ARG C 64 28.27 34.35 -2.31
C ARG C 64 27.71 32.96 -2.06
N CYS C 65 28.42 31.93 -2.55
CA CYS C 65 27.95 30.53 -2.45
C CYS C 65 28.85 29.64 -1.64
N LEU C 66 28.21 28.74 -0.89
CA LEU C 66 28.91 27.69 -0.18
C LEU C 66 29.68 26.82 -1.16
N THR C 67 31.00 26.76 -0.98
CA THR C 67 31.88 26.17 -1.97
C THR C 67 32.84 25.21 -1.30
N VAL C 68 32.92 23.99 -1.82
CA VAL C 68 33.90 23.03 -1.35
C VAL C 68 35.22 23.37 -2.04
N ASN C 69 36.29 23.54 -1.26
CA ASN C 69 37.64 23.76 -1.87
C ASN C 69 38.41 22.45 -2.00
N ALA C 70 39.56 22.48 -2.66
CA ALA C 70 40.35 21.27 -2.92
C ALA C 70 40.76 20.54 -1.63
N ASP C 71 41.17 21.31 -0.63
CA ASP C 71 41.56 20.76 0.67
C ASP C 71 40.35 20.46 1.55
N LYS C 72 39.16 20.57 0.95
CA LYS C 72 37.88 20.20 1.58
C LYS C 72 37.45 21.13 2.69
N THR C 73 38.12 22.26 2.82
CA THR C 73 37.59 23.36 3.61
C THR C 73 36.44 24.02 2.84
N LEU C 74 35.69 24.87 3.52
CA LEU C 74 34.56 25.60 2.98
C LEU C 74 34.83 27.08 2.86
N THR C 75 34.41 27.67 1.74
CA THR C 75 34.42 29.12 1.60
C THR C 75 33.12 29.56 0.98
N VAL C 76 32.93 30.87 0.91
CA VAL C 76 31.89 31.44 0.08
C VAL C 76 32.57 32.05 -1.15
N GLU C 77 32.01 31.82 -2.33
CA GLU C 77 32.60 32.29 -3.59
C GLU C 77 31.50 32.78 -4.53
N GLN C 78 31.91 33.45 -5.60
CA GLN C 78 30.98 33.88 -6.66
C GLN C 78 30.25 32.64 -7.17
N CYS C 79 29.03 32.81 -7.64
CA CYS C 79 28.19 31.67 -7.94
C CYS C 79 28.42 31.22 -9.36
N GLY C 80 28.61 29.92 -9.53
CA GLY C 80 28.89 29.33 -10.84
C GLY C 80 28.15 28.00 -10.96
N ALA C 81 28.60 27.17 -11.89
CA ALA C 81 27.89 25.93 -12.19
C ALA C 81 28.65 24.73 -11.69
N ASN C 82 29.79 24.95 -11.04
CA ASN C 82 30.62 23.84 -10.59
C ASN C 82 29.91 22.99 -9.52
N LEU C 83 30.18 21.68 -9.51
CA LEU C 83 29.52 20.78 -8.55
C LEU C 83 29.94 21.06 -7.10
N ALA C 84 31.09 21.73 -6.97
CA ALA C 84 31.63 22.08 -5.66
C ALA C 84 30.73 23.07 -4.95
N GLN C 85 29.80 23.68 -5.68
CA GLN C 85 28.83 24.58 -5.09
C GLN C 85 27.42 23.96 -5.03
N LYS C 86 27.29 22.68 -5.37
CA LYS C 86 25.99 22.00 -5.31
C LYS C 86 25.85 21.09 -4.10
N TRP C 87 24.65 21.14 -3.51
CA TRP C 87 24.30 20.44 -2.29
C TRP C 87 22.92 19.79 -2.36
N TYR C 88 22.75 18.66 -1.72
CA TYR C 88 21.43 18.05 -1.56
C TYR C 88 21.31 17.31 -0.23
N TRP C 89 20.07 17.18 0.24
CA TRP C 89 19.74 16.57 1.52
C TRP C 89 19.36 15.11 1.34
N GLU C 90 19.90 14.24 2.19
CA GLU C 90 19.35 12.91 2.43
C GLU C 90 19.10 12.82 3.93
N GLY C 91 17.87 13.05 4.37
CA GLY C 91 17.60 13.03 5.79
C GLY C 91 18.29 14.22 6.42
N ASP C 92 19.06 14.01 7.48
CA ASP C 92 19.72 15.13 8.15
C ASP C 92 21.18 15.29 7.69
N LYS C 93 21.49 14.67 6.55
CA LYS C 93 22.81 14.73 5.96
C LYS C 93 22.80 15.69 4.80
N LEU C 94 23.81 16.56 4.78
CA LEU C 94 23.92 17.57 3.72
C LEU C 94 25.14 17.23 2.90
N ILE C 95 24.88 16.87 1.66
CA ILE C 95 25.85 16.21 0.81
C ILE C 95 26.23 17.08 -0.37
N SER C 96 27.55 17.23 -0.59
CA SER C 96 28.10 17.90 -1.77
C SER C 96 28.08 17.00 -3.03
N ARG C 97 27.93 17.59 -4.21
CA ARG C 97 28.08 16.85 -5.46
C ARG C 97 29.52 16.80 -5.97
N TYR C 98 30.43 17.41 -5.20
CA TYR C 98 31.87 17.40 -5.53
C TYR C 98 32.38 15.96 -5.77
N VAL C 99 33.10 15.75 -6.87
CA VAL C 99 33.71 14.45 -7.16
C VAL C 99 35.23 14.54 -7.19
N ASP C 100 35.90 13.44 -6.88
CA ASP C 100 37.32 13.30 -7.13
C ASP C 100 37.71 11.81 -7.17
N GLY C 101 39.00 11.51 -7.15
CA GLY C 101 39.50 10.15 -7.36
C GLY C 101 39.17 9.16 -6.26
N ASN C 102 38.67 9.65 -5.13
CA ASN C 102 38.50 8.79 -3.96
C ASN C 102 37.22 7.94 -3.96
N ASN C 103 36.35 8.13 -4.95
CA ASN C 103 35.13 7.31 -5.06
C ASN C 103 34.26 7.32 -3.81
N THR C 104 34.01 8.51 -3.28
CA THR C 104 33.12 8.67 -2.15
C THR C 104 32.33 9.98 -2.26
N ARG C 105 31.17 10.00 -1.60
CA ARG C 105 30.43 11.23 -1.45
C ARG C 105 31.01 11.97 -0.27
N TYR C 106 31.02 13.30 -0.33
CA TYR C 106 31.47 14.18 0.74
C TYR C 106 30.29 14.84 1.48
N LEU C 107 30.30 14.73 2.82
CA LEU C 107 29.23 15.24 3.68
C LEU C 107 29.69 16.43 4.50
N LEU C 108 28.84 17.42 4.67
CA LEU C 108 29.12 18.52 5.55
C LEU C 108 29.28 17.98 7.00
N ASN C 109 30.39 18.32 7.67
CA ASN C 109 30.77 17.58 8.89
C ASN C 109 31.60 18.43 9.83
N ILE C 110 31.34 18.34 11.13
CA ILE C 110 32.20 18.98 12.12
C ILE C 110 33.45 18.11 12.31
N VAL C 111 34.63 18.67 12.14
CA VAL C 111 35.83 17.84 12.25
C VAL C 111 36.55 18.01 13.59
N GLY C 112 36.04 18.93 14.42
CA GLY C 112 36.63 19.15 15.72
C GLY C 112 36.43 20.58 16.15
N GLY C 113 36.08 20.78 17.42
CA GLY C 113 35.86 22.11 17.96
C GLY C 113 34.80 22.81 17.13
N ARG C 114 35.12 23.98 16.60
CA ARG C 114 34.18 24.71 15.75
C ARG C 114 34.56 24.65 14.27
N ASN C 115 35.45 23.72 13.91
CA ASN C 115 35.81 23.50 12.50
C ASN C 115 34.80 22.64 11.74
N VAL C 116 34.38 23.16 10.58
CA VAL C 116 33.45 22.45 9.70
C VAL C 116 34.04 22.32 8.33
N GLN C 117 34.08 21.10 7.82
CA GLN C 117 34.59 20.80 6.50
C GLN C 117 33.66 19.80 5.84
N VAL C 118 34.04 19.24 4.70
CA VAL C 118 33.35 18.05 4.21
C VAL C 118 34.28 16.85 4.37
N THR C 119 33.67 15.70 4.61
CA THR C 119 34.35 14.46 5.01
C THR C 119 33.81 13.29 4.18
N PRO C 120 34.67 12.30 3.87
CA PRO C 120 34.09 11.11 3.22
C PRO C 120 32.95 10.50 4.04
N GLU C 121 31.87 10.14 3.35
CA GLU C 121 30.65 9.63 3.96
C GLU C 121 30.88 8.62 5.12
N ASN C 122 31.76 7.65 4.94
CA ASN C 122 32.00 6.65 5.96
C ASN C 122 32.70 7.16 7.20
N GLU C 123 33.44 8.25 7.07
CA GLU C 123 34.14 8.86 8.19
C GLU C 123 33.40 10.11 8.74
N ALA C 124 32.20 10.39 8.24
CA ALA C 124 31.44 11.56 8.71
C ALA C 124 30.60 11.26 9.95
N ASN C 125 31.15 11.51 11.14
CA ASN C 125 30.50 11.20 12.42
C ASN C 125 29.79 12.34 13.14
N GLN C 126 29.99 13.57 12.68
CA GLN C 126 29.31 14.74 13.23
C GLN C 126 28.69 15.49 12.10
N ALA C 127 27.88 14.78 11.32
CA ALA C 127 27.42 15.29 10.05
C ALA C 127 25.92 15.44 9.98
N ARG C 128 25.28 15.63 11.12
CA ARG C 128 23.83 15.85 11.15
C ARG C 128 23.52 17.32 11.21
N TRP C 129 22.59 17.75 10.36
CA TRP C 129 22.18 19.15 10.22
C TRP C 129 20.66 19.27 10.09
N LYS C 130 20.16 20.45 10.42
CA LYS C 130 18.75 20.79 10.23
C LYS C 130 18.63 22.16 9.58
N PRO C 131 18.04 22.22 8.37
CA PRO C 131 17.73 23.54 7.81
C PRO C 131 16.54 24.14 8.56
N THR C 132 16.77 25.26 9.22
CA THR C 132 15.84 25.78 10.21
C THR C 132 15.29 27.13 9.72
N LEU C 133 13.97 27.18 9.52
CA LEU C 133 13.33 28.38 8.96
C LEU C 133 13.59 29.59 9.83
N GLN C 134 14.06 30.68 9.22
CA GLN C 134 14.27 31.93 9.92
C GLN C 134 12.94 32.70 10.03
N SER D 2 -0.04 23.01 11.92
CA SER D 2 -0.78 22.55 13.09
C SER D 2 -0.54 23.48 14.28
N ALA D 3 -1.63 23.97 14.89
CA ALA D 3 -1.53 24.88 16.05
C ALA D 3 -0.92 24.21 17.30
N MET D 4 -0.15 24.95 18.09
CA MET D 4 0.48 24.28 19.22
C MET D 4 -0.62 23.73 20.16
N ALA D 5 -0.60 22.41 20.38
CA ALA D 5 -1.57 21.76 21.27
C ALA D 5 -1.11 21.88 22.70
N HIS D 6 -1.98 22.33 23.60
CA HIS D 6 -1.63 22.33 25.02
C HIS D 6 -1.83 20.91 25.59
N VAL D 7 -0.79 20.35 26.20
CA VAL D 7 -0.92 19.02 26.76
C VAL D 7 -0.35 18.92 28.18
N THR D 8 -0.80 17.93 28.95
CA THR D 8 0.02 17.49 30.06
C THR D 8 0.94 16.37 29.56
N LEU D 9 2.08 16.18 30.24
CA LEU D 9 2.96 15.07 29.90
C LEU D 9 2.87 14.10 31.05
N GLN D 10 2.00 13.11 30.92
CA GLN D 10 1.76 12.14 31.97
C GLN D 10 2.59 10.85 31.75
N SER D 11 3.21 10.38 32.81
CA SER D 11 3.93 9.09 32.80
C SER D 11 2.98 7.94 32.58
N LEU D 12 3.39 6.98 31.75
CA LEU D 12 2.78 5.67 31.72
C LEU D 12 3.56 4.60 32.51
N SER D 13 4.57 5.05 33.27
CA SER D 13 5.46 4.16 34.05
C SER D 13 5.23 4.37 35.53
N ASN D 14 4.34 5.28 35.89
CA ASN D 14 4.02 5.56 37.29
C ASN D 14 2.49 5.86 37.30
N ASN D 15 1.76 5.35 38.30
CA ASN D 15 0.33 5.40 38.26
C ASN D 15 -0.22 6.83 38.37
N ASP D 16 0.58 7.79 38.83
CA ASP D 16 0.12 9.19 38.85
C ASP D 16 1.28 10.20 38.94
N LEU D 17 1.82 10.54 37.79
CA LEU D 17 2.95 11.45 37.71
C LEU D 17 2.87 12.21 36.40
N CYS D 18 2.85 13.55 36.49
CA CYS D 18 2.91 14.49 35.36
C CYS D 18 4.18 15.34 35.46
N LEU D 19 4.76 15.78 34.33
CA LEU D 19 5.91 16.68 34.36
C LEU D 19 5.42 18.04 34.83
N ASP D 20 6.09 18.58 35.84
CA ASP D 20 5.59 19.72 36.63
C ASP D 20 6.73 20.76 36.92
N VAL D 21 6.49 22.04 36.65
CA VAL D 21 7.41 23.08 37.05
C VAL D 21 7.23 23.33 38.53
N TYR D 22 8.27 22.98 39.27
CA TYR D 22 8.31 23.22 40.70
C TYR D 22 8.53 24.66 41.01
N GLY D 23 9.30 25.31 40.13
CA GLY D 23 9.79 26.65 40.40
C GLY D 23 10.79 26.75 41.55
N GLU D 24 10.82 27.91 42.17
CA GLU D 24 11.67 28.15 43.35
C GLU D 24 10.89 28.96 44.33
N ASN D 25 10.91 28.53 45.60
CA ASN D 25 10.15 29.16 46.69
C ASN D 25 8.70 29.48 46.33
N GLY D 26 8.06 28.54 45.64
CA GLY D 26 6.64 28.63 45.34
C GLY D 26 6.30 29.42 44.08
N ASP D 27 7.29 30.16 43.58
CA ASP D 27 7.17 30.94 42.34
C ASP D 27 7.48 30.03 41.15
N LYS D 28 6.43 29.62 40.46
CA LYS D 28 6.51 28.74 39.31
C LYS D 28 6.96 29.41 38.01
N THR D 29 6.98 30.74 37.96
CA THR D 29 7.34 31.47 36.73
C THR D 29 8.86 31.74 36.52
N VAL D 30 9.64 31.41 37.53
CA VAL D 30 11.04 31.84 37.60
C VAL D 30 11.92 31.23 36.49
N ALA D 31 12.71 32.05 35.78
CA ALA D 31 13.72 31.50 34.87
C ALA D 31 14.70 30.58 35.64
N GLY D 32 14.98 29.39 35.12
CA GLY D 32 15.89 28.45 35.73
C GLY D 32 15.26 27.62 36.83
N GLY D 33 13.92 27.67 36.92
CA GLY D 33 13.22 26.89 37.92
C GLY D 33 13.22 25.39 37.63
N SER D 34 13.30 24.60 38.70
CA SER D 34 13.31 23.14 38.62
C SER D 34 12.03 22.54 38.03
N VAL D 35 12.22 21.48 37.25
CA VAL D 35 11.11 20.70 36.71
C VAL D 35 11.27 19.30 37.25
N ASN D 36 10.19 18.71 37.77
CA ASN D 36 10.23 17.32 38.23
C ASN D 36 8.83 16.71 38.10
N GLY D 37 8.46 15.70 38.90
CA GLY D 37 7.16 15.04 38.77
C GLY D 37 6.24 15.43 39.88
N TRP D 38 4.95 15.33 39.64
CA TRP D 38 3.97 15.56 40.67
C TRP D 38 2.70 14.84 40.28
N SER D 39 1.80 14.61 41.24
CA SER D 39 0.53 14.02 40.89
C SER D 39 -0.22 14.99 39.95
N CYS D 40 -1.06 14.45 39.09
CA CYS D 40 -1.56 15.20 37.94
C CYS D 40 -2.74 16.07 38.38
N HIS D 41 -2.72 17.35 38.05
CA HIS D 41 -3.86 18.22 38.34
C HIS D 41 -4.16 19.18 37.18
N GLY D 42 -3.28 19.25 36.19
CA GLY D 42 -3.56 20.02 35.01
C GLY D 42 -3.49 21.56 35.13
N SER D 43 -2.94 22.16 36.20
CA SER D 43 -2.83 23.65 36.23
C SER D 43 -1.71 24.08 35.29
N TRP D 44 -1.50 25.38 35.18
CA TRP D 44 -0.58 25.90 34.16
C TRP D 44 0.83 25.33 34.32
N ASN D 45 1.28 25.04 35.52
CA ASN D 45 2.66 24.53 35.70
C ASN D 45 2.77 23.06 35.38
N GLN D 46 1.71 22.49 34.81
CA GLN D 46 1.74 21.13 34.29
C GLN D 46 1.34 21.08 32.80
N VAL D 47 1.20 22.25 32.18
CA VAL D 47 0.74 22.32 30.80
C VAL D 47 1.92 22.78 29.96
N TRP D 48 2.05 22.11 28.82
CA TRP D 48 3.16 22.22 27.93
C TRP D 48 2.68 22.32 26.49
N GLY D 49 3.51 22.85 25.61
CA GLY D 49 3.19 22.93 24.19
C GLY D 49 4.47 22.73 23.37
N LEU D 50 4.42 21.90 22.33
CA LEU D 50 5.60 21.69 21.50
C LEU D 50 5.62 22.70 20.36
N ASP D 51 6.63 23.58 20.30
CA ASP D 51 6.61 24.66 19.33
C ASP D 51 7.30 24.22 18.05
N LYS D 52 7.35 25.10 17.08
CA LYS D 52 7.96 24.83 15.78
C LYS D 52 9.48 24.58 15.81
N GLU D 53 10.16 24.90 16.91
CA GLU D 53 11.59 24.66 17.03
C GLU D 53 11.90 23.41 17.87
N GLU D 54 10.85 22.66 18.14
CA GLU D 54 10.86 21.38 18.85
C GLU D 54 11.10 21.55 20.34
N ARG D 55 10.74 22.74 20.84
CA ARG D 55 10.85 23.07 22.23
C ARG D 55 9.54 22.87 22.95
N TYR D 56 9.61 22.36 24.18
CA TYR D 56 8.39 22.26 24.98
C TYR D 56 8.22 23.48 25.87
N ARG D 57 7.30 24.35 25.50
CA ARG D 57 7.07 25.58 26.22
C ARG D 57 6.11 25.32 27.38
N SER D 58 6.45 25.85 28.55
CA SER D 58 5.54 25.77 29.70
C SER D 58 4.55 26.87 29.64
N ARG D 59 3.33 26.59 30.09
CA ARG D 59 2.29 27.58 30.21
C ARG D 59 2.44 28.45 31.43
N VAL D 60 3.41 28.18 32.31
CA VAL D 60 3.52 29.00 33.52
C VAL D 60 3.71 30.49 33.22
N ALA D 61 4.36 30.80 32.11
CA ALA D 61 4.64 32.20 31.72
C ALA D 61 5.27 32.22 30.34
N SER D 62 5.37 33.40 29.75
CA SER D 62 6.06 33.52 28.48
C SER D 62 7.51 33.10 28.60
N ASP D 63 8.04 32.55 27.52
CA ASP D 63 9.45 32.30 27.35
C ASP D 63 10.05 31.33 28.38
N ARG D 64 9.37 30.21 28.58
CA ARG D 64 9.84 29.18 29.46
C ARG D 64 9.78 27.83 28.73
N CYS D 65 10.96 27.26 28.45
CA CYS D 65 11.15 26.00 27.68
C CYS D 65 11.81 24.92 28.53
N LEU D 66 11.37 23.69 28.40
CA LEU D 66 11.97 22.55 29.06
C LEU D 66 13.42 22.33 28.56
N THR D 67 14.35 22.30 29.50
CA THR D 67 15.75 22.31 29.22
C THR D 67 16.51 21.23 30.00
N VAL D 68 17.38 20.53 29.29
CA VAL D 68 18.29 19.55 29.92
C VAL D 68 19.49 20.32 30.41
N ASN D 69 19.83 20.16 31.69
CA ASN D 69 21.00 20.78 32.25
C ASN D 69 22.18 19.82 32.15
N ALA D 70 23.36 20.33 32.39
CA ALA D 70 24.58 19.55 32.22
C ALA D 70 24.60 18.36 33.17
N ASP D 71 23.97 18.43 34.34
CA ASP D 71 23.92 17.29 35.25
C ASP D 71 22.68 16.41 34.97
N LYS D 72 21.99 16.62 33.85
CA LYS D 72 20.87 15.83 33.35
C LYS D 72 19.54 16.10 34.14
N THR D 73 19.54 17.05 35.06
CA THR D 73 18.28 17.53 35.65
C THR D 73 17.56 18.45 34.65
N LEU D 74 16.32 18.81 34.97
CA LEU D 74 15.49 19.59 34.10
C LEU D 74 15.08 20.90 34.77
N THR D 75 15.03 21.95 33.95
CA THR D 75 14.58 23.26 34.35
C THR D 75 13.71 23.87 33.20
N VAL D 76 13.08 25.00 33.46
CA VAL D 76 12.55 25.85 32.40
C VAL D 76 13.46 27.05 32.33
N GLU D 77 13.82 27.44 31.11
CA GLU D 77 14.72 28.55 30.85
C GLU D 77 14.16 29.37 29.68
N GLN D 78 14.64 30.61 29.51
CA GLN D 78 14.33 31.40 28.33
C GLN D 78 14.58 30.56 27.08
N CYS D 79 13.74 30.72 26.03
CA CYS D 79 13.86 29.81 24.87
C CYS D 79 14.98 30.29 23.91
N GLY D 80 15.80 29.36 23.45
CA GLY D 80 16.83 29.65 22.47
C GLY D 80 17.00 28.46 21.54
N ALA D 81 18.16 28.42 20.90
CA ALA D 81 18.45 27.45 19.85
C ALA D 81 19.16 26.17 20.30
N ASN D 82 19.61 26.09 21.55
CA ASN D 82 20.39 24.93 22.02
C ASN D 82 19.63 23.62 21.87
N LEU D 83 20.32 22.55 21.46
CA LEU D 83 19.72 21.19 21.41
C LEU D 83 19.23 20.71 22.77
N ALA D 84 19.74 21.29 23.85
CA ALA D 84 19.29 20.91 25.18
C ALA D 84 17.81 21.32 25.43
N GLN D 85 17.23 22.14 24.54
CA GLN D 85 15.79 22.46 24.59
C GLN D 85 14.92 21.82 23.51
N LYS D 86 15.50 20.91 22.73
CA LYS D 86 14.80 20.25 21.64
C LYS D 86 14.46 18.83 22.00
N TRP D 87 13.25 18.42 21.64
CA TRP D 87 12.64 17.18 22.11
C TRP D 87 11.93 16.54 20.93
N TYR D 88 11.88 15.22 20.85
CA TYR D 88 11.06 14.58 19.84
C TYR D 88 10.54 13.25 20.33
N TRP D 89 9.43 12.79 19.76
CA TRP D 89 8.77 11.58 20.21
C TRP D 89 9.18 10.37 19.35
N GLU D 90 9.43 9.21 19.94
CA GLU D 90 9.34 7.94 19.21
C GLU D 90 8.41 7.05 20.00
N GLY D 91 7.19 6.85 19.52
CA GLY D 91 6.20 6.13 20.30
C GLY D 91 5.96 6.83 21.63
N ASP D 92 6.02 6.10 22.74
CA ASP D 92 5.81 6.77 24.03
C ASP D 92 7.10 7.25 24.68
N LYS D 93 8.19 7.30 23.90
CA LYS D 93 9.43 7.82 24.43
C LYS D 93 9.63 9.26 24.00
N LEU D 94 10.03 10.09 24.94
CA LEU D 94 10.29 11.48 24.69
C LEU D 94 11.78 11.74 24.83
N ILE D 95 12.39 12.03 23.68
CA ILE D 95 13.84 12.01 23.52
C ILE D 95 14.37 13.43 23.35
N SER D 96 15.42 13.72 24.07
CA SER D 96 16.19 14.94 23.90
C SER D 96 17.17 14.86 22.75
N ARG D 97 17.38 15.99 22.07
CA ARG D 97 18.38 16.10 21.04
C ARG D 97 19.77 16.39 21.65
N TYR D 98 19.81 16.50 22.99
CA TYR D 98 21.10 16.76 23.71
C TYR D 98 22.22 15.83 23.29
N VAL D 99 23.39 16.38 23.02
CA VAL D 99 24.50 15.54 22.68
C VAL D 99 25.65 15.74 23.67
N ASP D 100 26.39 14.66 23.89
CA ASP D 100 27.68 14.71 24.58
C ASP D 100 28.60 13.60 24.07
N GLY D 101 29.71 13.35 24.77
CA GLY D 101 30.70 12.38 24.31
C GLY D 101 30.38 10.92 24.61
N ASN D 102 29.18 10.65 25.15
CA ASN D 102 28.91 9.31 25.65
C ASN D 102 28.20 8.36 24.68
N ASN D 103 28.01 8.76 23.43
CA ASN D 103 27.45 7.86 22.42
C ASN D 103 26.02 7.38 22.73
N THR D 104 25.15 8.29 23.15
CA THR D 104 23.82 7.88 23.56
C THR D 104 22.79 8.99 23.38
N ARG D 105 21.56 8.56 23.18
CA ARG D 105 20.41 9.40 23.28
C ARG D 105 20.00 9.44 24.72
N TYR D 106 19.43 10.56 25.12
CA TYR D 106 18.91 10.74 26.46
C TYR D 106 17.40 10.85 26.40
N LEU D 107 16.72 10.11 27.26
CA LEU D 107 15.27 10.03 27.31
C LEU D 107 14.76 10.59 28.60
N LEU D 108 13.60 11.25 28.54
CA LEU D 108 12.93 11.67 29.74
C LEU D 108 12.56 10.45 30.54
N ASN D 109 12.92 10.45 31.82
CA ASN D 109 12.87 9.25 32.61
C ASN D 109 12.62 9.59 34.10
N ILE D 110 11.81 8.78 34.75
CA ILE D 110 11.70 8.88 36.20
C ILE D 110 12.83 8.14 36.88
N VAL D 111 13.63 8.81 37.70
CA VAL D 111 14.84 8.16 38.24
C VAL D 111 14.62 7.74 39.66
N GLY D 112 13.51 8.12 40.25
CA GLY D 112 13.12 7.57 41.54
C GLY D 112 12.19 8.57 42.18
N GLY D 113 11.18 8.04 42.86
CA GLY D 113 10.08 8.82 43.39
C GLY D 113 9.49 9.81 42.39
N ARG D 114 9.55 11.07 42.72
CA ARG D 114 9.06 12.13 41.86
C ARG D 114 10.17 12.83 41.06
N ASN D 115 11.39 12.27 41.11
CA ASN D 115 12.50 12.92 40.40
C ASN D 115 12.49 12.53 38.94
N VAL D 116 12.50 13.52 38.07
CA VAL D 116 12.52 13.26 36.62
C VAL D 116 13.76 13.88 36.03
N GLN D 117 14.49 13.12 35.21
CA GLN D 117 15.73 13.60 34.60
C GLN D 117 15.75 13.10 33.16
N VAL D 118 16.87 13.23 32.43
CA VAL D 118 17.03 12.49 31.21
C VAL D 118 18.10 11.46 31.50
N THR D 119 17.97 10.30 30.86
CA THR D 119 18.77 9.13 31.22
C THR D 119 19.29 8.47 29.94
N PRO D 120 20.50 7.87 29.95
CA PRO D 120 20.86 7.19 28.70
C PRO D 120 19.81 6.16 28.30
N GLU D 121 19.55 6.07 26.99
CA GLU D 121 18.50 5.23 26.42
C GLU D 121 18.49 3.81 26.97
N ASN D 122 19.64 3.18 27.02
CA ASN D 122 19.68 1.80 27.51
C ASN D 122 19.49 1.60 29.00
N GLU D 123 19.41 2.68 29.78
CA GLU D 123 19.13 2.60 31.22
C GLU D 123 17.80 3.22 31.55
N ALA D 124 17.04 3.66 30.55
CA ALA D 124 15.84 4.45 30.82
C ALA D 124 14.62 3.49 30.97
N ASN D 125 14.46 3.01 32.20
CA ASN D 125 13.44 2.05 32.59
C ASN D 125 12.07 2.60 33.00
N GLN D 126 11.93 3.90 33.32
CA GLN D 126 10.60 4.46 33.60
C GLN D 126 10.34 5.69 32.70
N ALA D 127 10.34 5.44 31.39
CA ALA D 127 10.51 6.47 30.38
C ALA D 127 9.36 6.53 29.34
N ARG D 128 8.24 5.95 29.69
CA ARG D 128 7.00 6.00 28.89
C ARG D 128 6.17 7.23 29.28
N TRP D 129 5.72 8.02 28.29
CA TRP D 129 4.94 9.22 28.53
C TRP D 129 3.81 9.30 27.52
N LYS D 130 2.75 10.02 27.88
CA LYS D 130 1.56 10.23 27.02
C LYS D 130 1.32 11.74 27.00
N PRO D 131 1.50 12.39 25.86
CA PRO D 131 1.04 13.79 25.78
C PRO D 131 -0.46 13.79 25.70
N THR D 132 -1.10 14.43 26.67
CA THR D 132 -2.55 14.34 26.89
C THR D 132 -3.14 15.74 26.65
N LEU D 133 -3.98 15.86 25.64
CA LEU D 133 -4.64 17.10 25.31
C LEU D 133 -5.39 17.71 26.50
N GLN D 134 -5.15 18.99 26.72
CA GLN D 134 -5.55 19.68 27.92
C GLN D 134 -6.21 20.98 27.58
N GLN D 135 -7.50 21.08 27.89
CA GLN D 135 -8.18 22.38 27.97
C GLN D 135 -7.46 23.39 28.88
N VAL D 136 -7.18 24.59 28.36
CA VAL D 136 -6.56 25.65 29.15
C VAL D 136 -7.48 26.86 29.22
N LYS D 137 -7.79 27.32 30.43
CA LYS D 137 -8.62 28.52 30.61
C LYS D 137 -7.72 29.77 30.70
N LEU D 138 -8.08 30.82 29.97
CA LEU D 138 -7.29 32.06 29.90
C LEU D 138 -7.50 32.96 31.12
N ALA E 3 -19.95 12.86 23.54
CA ALA E 3 -21.16 12.01 23.59
C ALA E 3 -20.81 10.52 23.38
N MET E 4 -20.50 9.84 24.48
CA MET E 4 -19.88 8.53 24.38
C MET E 4 -20.87 7.46 23.92
N ALA E 5 -20.43 6.52 23.08
CA ALA E 5 -21.28 5.38 22.71
C ALA E 5 -21.59 4.56 23.96
N HIS E 6 -22.85 4.18 24.15
CA HIS E 6 -23.25 3.27 25.20
C HIS E 6 -22.78 1.89 24.86
N VAL E 7 -22.00 1.26 25.70
CA VAL E 7 -21.66 -0.15 25.49
C VAL E 7 -21.89 -0.96 26.77
N THR E 8 -22.24 -2.25 26.59
CA THR E 8 -22.02 -3.22 27.65
C THR E 8 -20.68 -3.88 27.37
N LEU E 9 -20.01 -4.34 28.43
CA LEU E 9 -18.75 -5.07 28.29
C LEU E 9 -19.08 -6.54 28.53
N GLN E 10 -19.34 -7.23 27.43
CA GLN E 10 -19.82 -8.58 27.49
C GLN E 10 -18.67 -9.54 27.29
N SER E 11 -18.56 -10.53 28.17
CA SER E 11 -17.54 -11.58 28.02
C SER E 11 -17.73 -12.42 26.80
N LEU E 12 -16.64 -12.75 26.14
CA LEU E 12 -16.67 -13.79 25.12
C LEU E 12 -16.09 -15.14 25.63
N SER E 13 -15.72 -15.20 26.92
CA SER E 13 -15.16 -16.43 27.51
C SER E 13 -16.19 -17.15 28.41
N ASN E 14 -17.42 -16.62 28.46
CA ASN E 14 -18.51 -17.16 29.30
C ASN E 14 -19.81 -16.88 28.53
N ASN E 15 -20.74 -17.82 28.51
CA ASN E 15 -21.86 -17.69 27.60
C ASN E 15 -22.81 -16.56 27.99
N ASP E 16 -22.70 -16.04 29.20
CA ASP E 16 -23.52 -14.89 29.58
C ASP E 16 -23.01 -14.20 30.81
N LEU E 17 -22.11 -13.27 30.58
CA LEU E 17 -21.54 -12.46 31.61
C LEU E 17 -21.17 -11.08 31.07
N CYS E 18 -21.62 -10.06 31.79
CA CYS E 18 -21.33 -8.64 31.51
C CYS E 18 -20.69 -8.01 32.70
N LEU E 19 -19.86 -7.00 32.49
CA LEU E 19 -19.29 -6.27 33.61
C LEU E 19 -20.37 -5.39 34.25
N ASP E 20 -20.49 -5.45 35.58
CA ASP E 20 -21.69 -5.02 36.28
C ASP E 20 -21.31 -4.32 37.57
N VAL E 21 -21.81 -3.09 37.79
CA VAL E 21 -21.63 -2.44 39.06
C VAL E 21 -22.54 -3.03 40.14
N TYR E 22 -21.97 -3.75 41.11
CA TYR E 22 -22.75 -4.30 42.21
C TYR E 22 -23.09 -3.22 43.20
N GLY E 23 -22.19 -2.25 43.33
CA GLY E 23 -22.31 -1.22 44.33
C GLY E 23 -21.99 -1.66 45.76
N GLU E 24 -22.73 -1.07 46.70
CA GLU E 24 -22.48 -1.24 48.13
C GLU E 24 -23.84 -1.13 48.77
N ASN E 25 -24.26 -2.20 49.47
CA ASN E 25 -25.55 -2.25 50.16
C ASN E 25 -26.76 -1.99 49.27
N GLY E 26 -26.74 -2.56 48.06
CA GLY E 26 -27.81 -2.37 47.08
C GLY E 26 -27.74 -1.06 46.28
N ASP E 27 -26.95 -0.09 46.77
CA ASP E 27 -26.88 1.22 46.13
C ASP E 27 -25.80 1.23 45.07
N LYS E 28 -26.19 1.33 43.81
CA LYS E 28 -25.21 1.22 42.74
C LYS E 28 -24.47 2.54 42.49
N THR E 29 -24.88 3.64 43.09
CA THR E 29 -24.26 4.93 42.76
C THR E 29 -22.99 5.29 43.55
N VAL E 30 -22.65 4.49 44.55
CA VAL E 30 -21.68 4.88 45.57
C VAL E 30 -20.24 4.78 45.09
N ALA E 31 -19.44 5.76 45.45
CA ALA E 31 -18.01 5.70 45.21
C ALA E 31 -17.46 4.53 46.03
N GLY E 32 -16.60 3.72 45.45
CA GLY E 32 -16.03 2.59 46.18
C GLY E 32 -16.84 1.32 45.92
N GLY E 33 -17.95 1.44 45.20
CA GLY E 33 -18.81 0.29 44.94
C GLY E 33 -18.10 -0.79 44.13
N SER E 34 -18.36 -2.06 44.46
CA SER E 34 -17.73 -3.22 43.81
C SER E 34 -18.23 -3.41 42.37
N VAL E 35 -17.33 -3.81 41.45
CA VAL E 35 -17.67 -4.18 40.08
C VAL E 35 -17.31 -5.65 39.91
N ASN E 36 -18.27 -6.48 39.46
CA ASN E 36 -18.00 -7.89 39.17
C ASN E 36 -18.83 -8.31 37.95
N GLY E 37 -19.11 -9.60 37.78
CA GLY E 37 -19.88 -10.03 36.62
C GLY E 37 -21.33 -10.38 36.95
N TRP E 38 -22.17 -10.34 35.93
CA TRP E 38 -23.56 -10.76 36.11
C TRP E 38 -24.11 -11.15 34.74
N SER E 39 -25.27 -11.81 34.69
CA SER E 39 -25.90 -12.06 33.39
C SER E 39 -26.28 -10.75 32.75
N CYS E 40 -26.22 -10.68 31.44
CA CYS E 40 -26.37 -9.42 30.73
C CYS E 40 -27.86 -9.01 30.76
N HIS E 41 -28.17 -7.81 31.24
CA HIS E 41 -29.51 -7.26 31.11
C HIS E 41 -29.45 -5.84 30.53
N GLY E 42 -28.29 -5.21 30.54
CA GLY E 42 -28.17 -3.90 29.92
C GLY E 42 -28.84 -2.72 30.63
N SER E 43 -29.27 -2.89 31.88
CA SER E 43 -29.61 -1.67 32.66
C SER E 43 -28.32 -0.87 32.92
N TRP E 44 -28.51 0.29 33.55
CA TRP E 44 -27.51 1.33 33.56
C TRP E 44 -26.25 0.91 34.32
N ASN E 45 -26.38 0.01 35.30
CA ASN E 45 -25.21 -0.51 36.04
C ASN E 45 -24.41 -1.53 35.23
N GLN E 46 -24.78 -1.72 33.96
CA GLN E 46 -24.01 -2.49 33.02
C GLN E 46 -23.65 -1.72 31.78
N VAL E 47 -23.94 -0.43 31.77
CA VAL E 47 -23.71 0.37 30.60
C VAL E 47 -22.49 1.28 30.89
N TRP E 48 -21.54 1.31 29.95
CA TRP E 48 -20.28 2.01 30.09
C TRP E 48 -20.02 2.87 28.89
N GLY E 49 -19.14 3.88 29.06
CA GLY E 49 -18.71 4.75 27.98
C GLY E 49 -17.22 5.03 28.16
N LEU E 50 -16.45 4.92 27.08
CA LEU E 50 -14.97 5.15 27.11
C LEU E 50 -14.69 6.61 26.84
N ASP E 51 -14.14 7.37 27.80
CA ASP E 51 -14.03 8.81 27.55
C ASP E 51 -12.67 9.12 26.93
N LYS E 52 -12.37 10.39 26.77
CA LYS E 52 -11.18 10.82 26.03
C LYS E 52 -9.91 10.63 26.86
N GLU E 53 -10.05 10.33 28.14
CA GLU E 53 -8.88 10.06 29.00
C GLU E 53 -8.67 8.58 29.18
N GLU E 54 -9.40 7.77 28.41
CA GLU E 54 -9.32 6.30 28.41
C GLU E 54 -9.97 5.67 29.65
N ARG E 55 -10.87 6.40 30.29
CA ARG E 55 -11.63 5.85 31.43
C ARG E 55 -12.94 5.26 30.99
N TYR E 56 -13.30 4.16 31.60
CA TYR E 56 -14.62 3.60 31.37
C TYR E 56 -15.54 4.17 32.43
N ARG E 57 -16.39 5.11 32.03
CA ARG E 57 -17.40 5.70 32.89
C ARG E 57 -18.68 4.88 32.94
N SER E 58 -19.19 4.65 34.14
CA SER E 58 -20.44 3.96 34.34
C SER E 58 -21.61 4.91 34.20
N ARG E 59 -22.72 4.44 33.68
CA ARG E 59 -23.95 5.22 33.71
C ARG E 59 -24.75 5.18 35.04
N VAL E 60 -24.26 4.57 36.12
CA VAL E 60 -25.04 4.58 37.39
C VAL E 60 -25.13 6.01 37.95
N ALA E 61 -24.11 6.82 37.68
CA ALA E 61 -24.04 8.14 38.24
C ALA E 61 -22.98 8.95 37.52
N SER E 62 -23.01 10.26 37.74
CA SER E 62 -21.98 11.14 37.29
C SER E 62 -20.63 10.78 37.96
N ASP E 63 -19.53 10.81 37.21
CA ASP E 63 -18.21 10.76 37.86
C ASP E 63 -17.88 9.42 38.56
N ARG E 64 -18.21 8.31 37.93
CA ARG E 64 -17.89 6.95 38.41
C ARG E 64 -17.21 6.18 37.28
N CYS E 65 -15.90 5.91 37.48
CA CYS E 65 -14.97 5.34 36.52
C CYS E 65 -14.58 3.95 36.99
N LEU E 66 -14.47 2.99 36.08
CA LEU E 66 -13.93 1.65 36.39
C LEU E 66 -12.50 1.70 36.90
N THR E 67 -12.24 1.22 38.11
CA THR E 67 -10.93 1.39 38.74
C THR E 67 -10.31 0.07 39.24
N VAL E 68 -9.02 -0.15 38.93
CA VAL E 68 -8.24 -1.24 39.47
C VAL E 68 -7.77 -0.90 40.86
N ASN E 69 -8.06 -1.75 41.82
CA ASN E 69 -7.56 -1.53 43.16
C ASN E 69 -6.24 -2.25 43.39
N ALA E 70 -5.56 -1.93 44.48
CA ALA E 70 -4.22 -2.50 44.68
C ALA E 70 -4.28 -4.06 44.82
N ASP E 71 -5.38 -4.59 45.39
CA ASP E 71 -5.56 -6.05 45.45
C ASP E 71 -6.15 -6.66 44.15
N LYS E 72 -6.15 -5.88 43.08
CA LYS E 72 -6.58 -6.29 41.73
C LYS E 72 -8.09 -6.52 41.54
N THR E 73 -8.88 -6.23 42.56
CA THR E 73 -10.32 -6.18 42.40
C THR E 73 -10.73 -4.83 41.76
N LEU E 74 -12.00 -4.76 41.35
CA LEU E 74 -12.52 -3.61 40.62
C LEU E 74 -13.63 -2.90 41.38
N THR E 75 -13.60 -1.56 41.34
CA THR E 75 -14.61 -0.72 41.93
C THR E 75 -14.97 0.40 40.94
N VAL E 76 -16.03 1.15 41.24
CA VAL E 76 -16.16 2.46 40.61
C VAL E 76 -15.77 3.55 41.59
N GLU E 77 -15.03 4.55 41.12
CA GLU E 77 -14.51 5.66 41.94
C GLU E 77 -14.68 7.01 41.20
N GLN E 78 -14.55 8.11 41.92
CA GLN E 78 -14.47 9.42 41.25
C GLN E 78 -13.41 9.39 40.16
N CYS E 79 -13.71 10.02 39.04
CA CYS E 79 -12.81 10.04 37.91
C CYS E 79 -11.61 10.97 38.17
N GLY E 80 -10.42 10.48 37.87
CA GLY E 80 -9.21 11.30 38.00
C GLY E 80 -8.17 10.83 36.98
N ALA E 81 -6.90 11.13 37.26
CA ALA E 81 -5.83 10.90 36.32
C ALA E 81 -5.11 9.56 36.49
N ASN E 82 -5.43 8.83 37.54
CA ASN E 82 -4.64 7.62 37.86
C ASN E 82 -4.66 6.62 36.71
N LEU E 83 -3.52 5.99 36.43
CA LEU E 83 -3.50 4.94 35.41
C LEU E 83 -4.39 3.72 35.77
N ALA E 84 -4.70 3.57 37.05
CA ALA E 84 -5.60 2.50 37.52
C ALA E 84 -7.05 2.65 36.94
N GLN E 85 -7.30 3.80 36.34
CA GLN E 85 -8.62 4.10 35.70
C GLN E 85 -8.54 4.13 34.19
N LYS E 86 -7.38 3.80 33.60
CA LYS E 86 -7.23 3.93 32.17
C LYS E 86 -7.23 2.55 31.56
N TRP E 87 -7.86 2.43 30.38
CA TRP E 87 -8.09 1.14 29.73
C TRP E 87 -7.89 1.23 28.26
N TYR E 88 -7.39 0.16 27.60
CA TYR E 88 -7.26 0.19 26.16
C TYR E 88 -7.47 -1.22 25.62
N TRP E 89 -7.92 -1.31 24.39
CA TRP E 89 -8.22 -2.57 23.72
C TRP E 89 -7.05 -3.06 22.89
N GLU E 90 -6.76 -4.37 22.94
CA GLU E 90 -5.99 -5.05 21.88
C GLU E 90 -6.79 -6.24 21.44
N GLY E 91 -7.44 -6.17 20.28
CA GLY E 91 -8.43 -7.18 19.94
C GLY E 91 -9.52 -7.32 20.99
N ASP E 92 -9.79 -8.54 21.46
CA ASP E 92 -10.83 -8.74 22.45
C ASP E 92 -10.28 -8.68 23.86
N LYS E 93 -9.06 -8.18 23.99
CA LYS E 93 -8.49 -7.99 25.29
C LYS E 93 -8.62 -6.55 25.76
N LEU E 94 -9.05 -6.44 27.01
CA LEU E 94 -9.20 -5.14 27.62
C LEU E 94 -8.18 -4.97 28.71
N ILE E 95 -7.27 -4.02 28.50
CA ILE E 95 -6.01 -3.96 29.25
C ILE E 95 -5.96 -2.72 30.09
N SER E 96 -5.51 -2.88 31.32
CA SER E 96 -5.33 -1.75 32.23
C SER E 96 -3.99 -1.09 32.03
N ARG E 97 -3.89 0.21 32.24
CA ARG E 97 -2.60 0.87 32.29
C ARG E 97 -1.92 0.86 33.67
N TYR E 98 -2.56 0.20 34.62
CA TYR E 98 -2.04 0.08 35.97
C TYR E 98 -0.62 -0.48 35.97
N VAL E 99 0.29 0.14 36.70
CA VAL E 99 1.62 -0.37 36.84
C VAL E 99 1.92 -0.77 38.29
N ASP E 100 2.72 -1.79 38.44
CA ASP E 100 3.33 -2.09 39.74
C ASP E 100 4.68 -2.76 39.52
N GLY E 101 5.24 -3.34 40.58
CA GLY E 101 6.57 -3.90 40.55
C GLY E 101 6.61 -5.29 39.88
N ASN E 102 5.48 -5.79 39.36
CA ASN E 102 5.47 -7.15 38.83
C ASN E 102 5.77 -7.34 37.32
N ASN E 103 6.05 -6.27 36.58
CA ASN E 103 6.48 -6.46 35.19
C ASN E 103 5.47 -7.11 34.25
N THR E 104 4.22 -6.72 34.37
CA THR E 104 3.23 -7.36 33.58
C THR E 104 2.18 -6.35 33.28
N ARG E 105 1.49 -6.54 32.17
CA ARG E 105 0.21 -5.87 31.94
C ARG E 105 -0.88 -6.66 32.59
N TYR E 106 -1.87 -5.95 33.12
CA TYR E 106 -3.04 -6.60 33.72
C TYR E 106 -4.23 -6.51 32.82
N LEU E 107 -4.92 -7.66 32.67
CA LEU E 107 -6.05 -7.79 31.77
C LEU E 107 -7.36 -8.03 32.55
N LEU E 108 -8.45 -7.43 32.11
CA LEU E 108 -9.78 -7.71 32.65
C LEU E 108 -10.02 -9.20 32.43
N ASN E 109 -10.31 -9.93 33.50
CA ASN E 109 -10.37 -11.37 33.47
C ASN E 109 -11.37 -11.95 34.47
N ILE E 110 -12.07 -13.01 34.05
CA ILE E 110 -12.97 -13.73 34.94
C ILE E 110 -12.17 -14.71 35.80
N VAL E 111 -12.27 -14.62 37.13
CA VAL E 111 -11.36 -15.40 37.96
C VAL E 111 -12.08 -16.51 38.70
N GLY E 112 -13.37 -16.67 38.44
CA GLY E 112 -14.11 -17.83 38.96
C GLY E 112 -15.55 -17.36 39.15
N GLY E 113 -16.55 -18.15 38.73
CA GLY E 113 -17.95 -17.83 38.94
C GLY E 113 -18.30 -16.48 38.29
N ARG E 114 -18.85 -15.56 39.07
CA ARG E 114 -19.07 -14.19 38.56
C ARG E 114 -18.01 -13.17 39.03
N ASN E 115 -16.89 -13.66 39.53
CA ASN E 115 -15.81 -12.78 39.98
C ASN E 115 -15.01 -12.27 38.81
N VAL E 116 -14.90 -10.96 38.68
CA VAL E 116 -14.09 -10.38 37.64
C VAL E 116 -13.05 -9.47 38.32
N GLN E 117 -11.77 -9.65 37.98
CA GLN E 117 -10.64 -8.85 38.48
C GLN E 117 -9.73 -8.49 37.30
N VAL E 118 -8.53 -7.98 37.57
CA VAL E 118 -7.53 -7.97 36.53
C VAL E 118 -6.48 -8.98 36.93
N THR E 119 -5.87 -9.56 35.91
CA THR E 119 -4.95 -10.65 36.08
C THR E 119 -3.71 -10.40 35.22
N PRO E 120 -2.52 -10.88 35.64
CA PRO E 120 -1.37 -10.75 34.73
C PRO E 120 -1.64 -11.44 33.39
N GLU E 121 -1.23 -10.75 32.34
CA GLU E 121 -1.45 -11.15 30.95
C GLU E 121 -1.18 -12.62 30.70
N ASN E 122 -0.06 -13.11 31.18
CA ASN E 122 0.34 -14.51 30.99
C ASN E 122 -0.56 -15.54 31.70
N GLU E 123 -1.37 -15.11 32.66
CA GLU E 123 -2.26 -16.02 33.37
C GLU E 123 -3.71 -15.83 33.05
N ALA E 124 -4.07 -14.87 32.18
CA ALA E 124 -5.47 -14.46 31.98
C ALA E 124 -6.16 -15.29 30.88
N ASN E 125 -6.82 -16.34 31.35
CA ASN E 125 -7.43 -17.34 30.50
C ASN E 125 -8.94 -17.20 30.25
N GLN E 126 -9.59 -16.23 30.89
CA GLN E 126 -11.01 -15.95 30.62
C GLN E 126 -11.15 -14.46 30.42
N ALA E 127 -10.36 -13.96 29.49
CA ALA E 127 -10.13 -12.52 29.35
C ALA E 127 -10.54 -11.94 28.01
N ARG E 128 -11.40 -12.65 27.28
CA ARG E 128 -11.96 -12.09 26.05
C ARG E 128 -13.25 -11.28 26.35
N TRP E 129 -13.38 -10.11 25.73
CA TRP E 129 -14.51 -9.22 25.93
C TRP E 129 -14.90 -8.55 24.60
N LYS E 130 -16.16 -8.11 24.55
CA LYS E 130 -16.68 -7.42 23.39
C LYS E 130 -17.43 -6.15 23.87
N PRO E 131 -17.01 -4.94 23.40
CA PRO E 131 -17.80 -3.76 23.80
C PRO E 131 -18.99 -3.70 22.88
N THR E 132 -20.17 -3.84 23.46
CA THR E 132 -21.35 -4.15 22.68
C THR E 132 -22.29 -2.95 22.64
N LEU E 133 -22.52 -2.43 21.45
CA LEU E 133 -23.24 -1.19 21.26
C LEU E 133 -24.68 -1.39 21.66
N GLN E 134 -25.23 -0.53 22.51
CA GLN E 134 -26.63 -0.65 22.92
C GLN E 134 -27.59 0.14 22.02
N MET F 4 -31.65 -4.62 7.59
CA MET F 4 -31.08 -5.98 7.76
C MET F 4 -31.35 -6.84 6.51
N ALA F 5 -30.29 -7.48 6.01
CA ALA F 5 -30.37 -8.22 4.76
C ALA F 5 -30.95 -9.60 5.01
N HIS F 6 -32.04 -9.91 4.32
CA HIS F 6 -32.62 -11.25 4.41
C HIS F 6 -31.91 -12.21 3.50
N VAL F 7 -31.53 -13.36 4.04
CA VAL F 7 -30.77 -14.33 3.29
C VAL F 7 -31.29 -15.74 3.51
N THR F 8 -30.96 -16.63 2.58
CA THR F 8 -31.00 -18.05 2.88
C THR F 8 -29.57 -18.45 3.24
N LEU F 9 -29.44 -19.48 4.04
CA LEU F 9 -28.13 -20.02 4.38
C LEU F 9 -27.99 -21.32 3.64
N GLN F 10 -27.41 -21.24 2.44
CA GLN F 10 -27.27 -22.42 1.63
C GLN F 10 -25.89 -23.03 1.81
N SER F 11 -25.89 -24.35 1.95
CA SER F 11 -24.65 -25.11 2.01
C SER F 11 -23.90 -25.11 0.67
N LEU F 12 -22.57 -25.02 0.75
CA LEU F 12 -21.69 -25.28 -0.38
C LEU F 12 -21.03 -26.68 -0.27
N SER F 13 -21.40 -27.45 0.76
CA SER F 13 -20.83 -28.77 0.98
C SER F 13 -21.84 -29.87 0.59
N ASN F 14 -23.02 -29.46 0.14
CA ASN F 14 -24.08 -30.36 -0.26
C ASN F 14 -24.77 -29.71 -1.45
N ASN F 15 -25.13 -30.49 -2.45
CA ASN F 15 -25.66 -29.93 -3.70
C ASN F 15 -27.02 -29.22 -3.60
N ASP F 16 -27.79 -29.48 -2.57
CA ASP F 16 -29.02 -28.71 -2.36
C ASP F 16 -29.46 -28.85 -0.92
N LEU F 17 -28.93 -28.00 -0.05
CA LEU F 17 -29.34 -27.99 1.34
C LEU F 17 -29.30 -26.56 1.85
N CYS F 18 -30.42 -26.16 2.46
CA CYS F 18 -30.56 -24.84 3.14
C CYS F 18 -30.89 -25.04 4.61
N LEU F 19 -30.45 -24.09 5.45
CA LEU F 19 -30.80 -24.15 6.86
C LEU F 19 -32.29 -23.80 7.03
N ASP F 20 -33.01 -24.63 7.77
CA ASP F 20 -34.46 -24.72 7.70
C ASP F 20 -35.05 -24.88 9.10
N VAL F 21 -36.02 -24.05 9.46
CA VAL F 21 -36.80 -24.27 10.66
C VAL F 21 -37.87 -25.36 10.43
N TYR F 22 -37.67 -26.51 11.10
CA TYR F 22 -38.60 -27.62 11.01
C TYR F 22 -39.86 -27.37 11.82
N GLY F 23 -39.74 -26.73 12.98
CA GLY F 23 -40.92 -26.37 13.77
C GLY F 23 -41.49 -27.58 14.50
N GLU F 24 -42.76 -27.56 14.87
CA GLU F 24 -43.48 -28.73 15.39
C GLU F 24 -44.76 -28.88 14.60
N ASN F 25 -45.06 -30.12 14.23
CA ASN F 25 -46.35 -30.44 13.72
C ASN F 25 -46.75 -29.52 12.57
N GLY F 26 -45.76 -29.15 11.76
CA GLY F 26 -45.98 -28.32 10.59
C GLY F 26 -46.00 -26.82 10.86
N ASP F 27 -46.04 -26.44 12.14
CA ASP F 27 -46.01 -25.03 12.55
C ASP F 27 -44.55 -24.59 12.79
N LYS F 28 -44.06 -23.76 11.88
CA LYS F 28 -42.70 -23.32 11.90
C LYS F 28 -42.41 -22.20 12.92
N THR F 29 -43.48 -21.69 13.55
CA THR F 29 -43.38 -20.50 14.38
C THR F 29 -43.05 -20.80 15.85
N VAL F 30 -43.14 -22.06 16.26
CA VAL F 30 -43.11 -22.39 17.69
C VAL F 30 -41.75 -22.20 18.29
N ALA F 31 -41.74 -21.64 19.50
CA ALA F 31 -40.47 -21.36 20.18
C ALA F 31 -39.89 -22.69 20.57
N GLY F 32 -38.58 -22.84 20.52
CA GLY F 32 -37.97 -24.13 20.77
C GLY F 32 -37.99 -25.10 19.59
N GLY F 33 -38.52 -24.65 18.47
CA GLY F 33 -38.62 -25.47 17.29
C GLY F 33 -37.25 -25.86 16.78
N SER F 34 -37.18 -27.08 16.27
CA SER F 34 -35.97 -27.67 15.75
C SER F 34 -35.52 -27.02 14.40
N VAL F 35 -34.22 -26.88 14.18
CA VAL F 35 -33.63 -26.40 12.94
C VAL F 35 -32.67 -27.45 12.37
N ASN F 36 -32.77 -27.70 11.07
CA ASN F 36 -31.97 -28.70 10.39
C ASN F 36 -31.88 -28.32 8.92
N GLY F 37 -31.63 -29.29 8.02
CA GLY F 37 -31.52 -29.01 6.60
C GLY F 37 -32.69 -29.49 5.77
N TRP F 38 -32.83 -28.86 4.60
CA TRP F 38 -33.85 -29.22 3.65
C TRP F 38 -33.43 -28.69 2.26
N SER F 39 -34.07 -29.14 1.21
CA SER F 39 -33.81 -28.61 -0.13
C SER F 39 -34.26 -27.15 -0.16
N CYS F 40 -33.57 -26.34 -0.95
CA CYS F 40 -33.84 -24.90 -0.95
C CYS F 40 -35.16 -24.58 -1.68
N HIS F 41 -36.04 -23.82 -1.01
CA HIS F 41 -37.28 -23.32 -1.64
C HIS F 41 -37.51 -21.87 -1.19
N GLY F 42 -36.70 -21.39 -0.25
CA GLY F 42 -36.67 -20.00 0.16
C GLY F 42 -37.97 -19.41 0.67
N SER F 43 -38.85 -20.27 1.17
CA SER F 43 -40.00 -19.82 1.94
C SER F 43 -39.54 -19.27 3.30
N TRP F 44 -40.48 -18.76 4.08
CA TRP F 44 -40.12 -17.96 5.25
C TRP F 44 -39.31 -18.78 6.29
N ASN F 45 -39.51 -20.11 6.34
CA ASN F 45 -38.73 -20.93 7.32
C ASN F 45 -37.29 -21.27 6.89
N GLN F 46 -36.88 -20.71 5.75
CA GLN F 46 -35.49 -20.78 5.31
C GLN F 46 -34.85 -19.38 5.16
N VAL F 47 -35.55 -18.33 5.59
CA VAL F 47 -35.03 -16.96 5.49
C VAL F 47 -34.56 -16.46 6.88
N TRP F 48 -33.39 -15.81 6.91
CA TRP F 48 -32.70 -15.44 8.11
C TRP F 48 -32.17 -14.00 7.97
N GLY F 49 -31.96 -13.33 9.09
CA GLY F 49 -31.38 -11.97 9.06
C GLY F 49 -30.39 -11.89 10.19
N LEU F 50 -29.18 -11.41 9.93
CA LEU F 50 -28.18 -11.26 11.02
C LEU F 50 -28.32 -9.87 11.70
N ASP F 51 -28.66 -9.82 12.99
CA ASP F 51 -28.96 -8.52 13.61
C ASP F 51 -27.66 -7.95 14.19
N LYS F 52 -27.70 -6.78 14.81
CA LYS F 52 -26.50 -6.09 15.27
C LYS F 52 -25.89 -6.78 16.47
N GLU F 53 -26.64 -7.69 17.10
CA GLU F 53 -26.12 -8.46 18.23
C GLU F 53 -25.58 -9.82 17.80
N GLU F 54 -25.45 -9.98 16.49
CA GLU F 54 -24.86 -11.17 15.87
C GLU F 54 -25.75 -12.40 15.94
N ARG F 55 -27.04 -12.17 16.05
CA ARG F 55 -28.05 -13.24 16.07
C ARG F 55 -28.66 -13.44 14.70
N TYR F 56 -28.90 -14.70 14.35
CA TYR F 56 -29.59 -15.01 13.13
C TYR F 56 -31.04 -15.23 13.46
N ARG F 57 -31.85 -14.23 13.09
CA ARG F 57 -33.29 -14.23 13.33
C ARG F 57 -34.01 -14.89 12.18
N SER F 58 -34.96 -15.75 12.51
CA SER F 58 -35.74 -16.42 11.50
C SER F 58 -36.92 -15.52 11.08
N ARG F 59 -37.32 -15.59 9.82
CA ARG F 59 -38.53 -14.91 9.35
C ARG F 59 -39.83 -15.64 9.68
N VAL F 60 -39.78 -16.81 10.33
CA VAL F 60 -41.04 -17.54 10.55
C VAL F 60 -41.94 -16.72 11.46
N ALA F 61 -41.37 -15.92 12.36
CA ALA F 61 -42.15 -15.06 13.27
C ALA F 61 -41.18 -14.18 14.03
N SER F 62 -41.68 -13.17 14.74
CA SER F 62 -40.74 -12.34 15.52
C SER F 62 -40.17 -13.10 16.71
N ASP F 63 -38.99 -12.67 17.11
CA ASP F 63 -38.35 -13.17 18.29
C ASP F 63 -38.00 -14.68 18.22
N ARG F 64 -37.37 -15.09 17.13
CA ARG F 64 -36.93 -16.46 16.92
C ARG F 64 -35.53 -16.43 16.37
N CYS F 65 -34.54 -16.69 17.24
CA CYS F 65 -33.11 -16.68 16.92
C CYS F 65 -32.55 -18.07 16.90
N LEU F 66 -31.65 -18.30 15.95
CA LEU F 66 -30.91 -19.53 15.82
C LEU F 66 -30.02 -19.77 17.06
N THR F 67 -30.17 -20.92 17.70
CA THR F 67 -29.60 -21.20 19.01
C THR F 67 -28.90 -22.53 19.07
N VAL F 68 -27.65 -22.50 19.52
CA VAL F 68 -26.93 -23.72 19.88
C VAL F 68 -27.38 -24.23 21.22
N ASN F 69 -27.76 -25.49 21.27
CA ASN F 69 -28.11 -26.17 22.50
C ASN F 69 -26.90 -26.94 23.03
N ALA F 70 -26.90 -27.32 24.31
CA ALA F 70 -25.74 -27.95 24.91
C ALA F 70 -25.39 -29.32 24.24
N ASP F 71 -26.38 -30.05 23.73
CA ASP F 71 -26.10 -31.25 22.96
C ASP F 71 -25.73 -30.94 21.50
N LYS F 72 -25.53 -29.67 21.13
CA LYS F 72 -25.03 -29.23 19.82
C LYS F 72 -26.08 -29.20 18.69
N THR F 73 -27.31 -29.53 19.01
CA THR F 73 -28.38 -29.34 18.06
C THR F 73 -28.80 -27.89 18.05
N LEU F 74 -29.62 -27.56 17.07
CA LEU F 74 -30.01 -26.21 16.78
C LEU F 74 -31.50 -26.06 16.92
N THR F 75 -31.92 -24.95 17.52
CA THR F 75 -33.34 -24.63 17.66
C THR F 75 -33.53 -23.11 17.36
N VAL F 76 -34.77 -22.66 17.21
CA VAL F 76 -35.06 -21.22 17.31
C VAL F 76 -35.70 -20.94 18.66
N GLU F 77 -35.27 -19.86 19.29
CA GLU F 77 -35.73 -19.43 20.63
C GLU F 77 -35.88 -17.91 20.68
N GLN F 78 -36.51 -17.46 21.77
CA GLN F 78 -36.58 -16.08 22.11
C GLN F 78 -35.15 -15.51 22.13
N CYS F 79 -35.03 -14.29 21.66
CA CYS F 79 -33.72 -13.67 21.46
C CYS F 79 -33.22 -13.08 22.78
N GLY F 80 -31.99 -13.41 23.16
CA GLY F 80 -31.41 -12.87 24.36
C GLY F 80 -29.93 -12.57 24.12
N ALA F 81 -29.17 -12.46 25.20
CA ALA F 81 -27.76 -12.03 25.14
C ALA F 81 -26.76 -13.19 25.11
N ASN F 82 -27.25 -14.43 25.22
CA ASN F 82 -26.37 -15.60 25.32
C ASN F 82 -25.49 -15.78 24.08
N LEU F 83 -24.21 -16.09 24.31
CA LEU F 83 -23.31 -16.42 23.22
C LEU F 83 -23.82 -17.60 22.37
N ALA F 84 -24.63 -18.47 22.96
CA ALA F 84 -25.22 -19.60 22.20
C ALA F 84 -26.07 -19.12 21.00
N GLN F 85 -26.40 -17.84 20.97
CA GLN F 85 -27.16 -17.27 19.86
C GLN F 85 -26.36 -16.34 18.96
N LYS F 86 -25.05 -16.25 19.18
CA LYS F 86 -24.24 -15.31 18.38
C LYS F 86 -23.42 -16.11 17.36
N TRP F 87 -23.31 -15.51 16.18
CA TRP F 87 -22.74 -16.13 15.01
C TRP F 87 -21.86 -15.16 14.29
N TYR F 88 -20.75 -15.63 13.73
CA TYR F 88 -19.91 -14.80 12.86
C TYR F 88 -19.28 -15.60 11.75
N TRP F 89 -18.97 -14.92 10.66
CA TRP F 89 -18.41 -15.49 9.44
C TRP F 89 -16.91 -15.42 9.39
N GLU F 90 -16.26 -16.49 8.94
CA GLU F 90 -14.88 -16.42 8.47
C GLU F 90 -14.84 -17.13 7.14
N GLY F 91 -14.78 -16.40 6.03
CA GLY F 91 -14.84 -17.05 4.74
C GLY F 91 -16.22 -17.70 4.64
N ASP F 92 -16.28 -18.97 4.23
CA ASP F 92 -17.58 -19.62 4.13
C ASP F 92 -17.89 -20.46 5.35
N LYS F 93 -17.20 -20.19 6.46
CA LYS F 93 -17.48 -20.89 7.70
C LYS F 93 -18.34 -20.00 8.58
N LEU F 94 -19.36 -20.59 9.15
CA LEU F 94 -20.27 -19.86 10.03
C LEU F 94 -20.07 -20.41 11.43
N ILE F 95 -19.55 -19.57 12.30
CA ILE F 95 -18.96 -19.99 13.56
C ILE F 95 -19.80 -19.51 14.74
N SER F 96 -20.05 -20.39 15.69
CA SER F 96 -20.75 -20.00 16.93
C SER F 96 -19.83 -19.34 17.96
N ARG F 97 -20.35 -18.42 18.79
CA ARG F 97 -19.61 -17.88 19.93
C ARG F 97 -19.72 -18.75 21.19
N TYR F 98 -20.45 -19.86 21.08
CA TYR F 98 -20.68 -20.73 22.22
C TYR F 98 -19.38 -21.17 22.78
N VAL F 99 -19.27 -21.19 24.10
CA VAL F 99 -18.06 -21.67 24.74
C VAL F 99 -18.45 -22.76 25.73
N ASP F 100 -17.51 -23.68 25.91
CA ASP F 100 -17.57 -24.63 27.00
C ASP F 100 -16.12 -25.01 27.44
N GLY F 101 -15.99 -26.02 28.27
CA GLY F 101 -14.68 -26.32 28.82
C GLY F 101 -13.71 -26.99 27.86
N ASN F 102 -14.16 -27.23 26.64
CA ASN F 102 -13.37 -27.99 25.68
C ASN F 102 -12.37 -27.10 24.91
N ASN F 103 -12.50 -25.79 25.00
CA ASN F 103 -11.51 -24.95 24.30
C ASN F 103 -11.43 -25.31 22.79
N THR F 104 -12.57 -25.25 22.12
CA THR F 104 -12.66 -25.38 20.67
C THR F 104 -13.77 -24.44 20.22
N ARG F 105 -13.68 -23.96 18.99
CA ARG F 105 -14.79 -23.27 18.37
C ARG F 105 -15.72 -24.32 17.73
N TYR F 106 -16.99 -24.00 17.64
CA TYR F 106 -18.00 -24.84 17.02
C TYR F 106 -18.49 -24.18 15.74
N LEU F 107 -18.51 -24.98 14.68
CA LEU F 107 -18.89 -24.53 13.34
C LEU F 107 -20.22 -25.17 12.93
N LEU F 108 -21.08 -24.41 12.29
CA LEU F 108 -22.28 -24.93 11.64
C LEU F 108 -21.89 -25.98 10.62
N ASN F 109 -22.44 -27.18 10.73
CA ASN F 109 -21.92 -28.34 10.01
C ASN F 109 -23.04 -29.36 9.69
N ILE F 110 -23.01 -29.93 8.50
CA ILE F 110 -23.92 -31.01 8.17
C ILE F 110 -23.31 -32.27 8.77
N VAL F 111 -24.03 -32.96 9.66
CA VAL F 111 -23.44 -34.14 10.31
C VAL F 111 -23.97 -35.46 9.75
N GLY F 112 -24.89 -35.41 8.80
CA GLY F 112 -25.31 -36.59 8.05
C GLY F 112 -26.73 -36.35 7.55
N GLY F 113 -27.00 -36.73 6.30
CA GLY F 113 -28.29 -36.51 5.68
C GLY F 113 -28.68 -35.04 5.69
N ARG F 114 -29.85 -34.75 6.26
CA ARG F 114 -30.27 -33.35 6.42
C ARG F 114 -30.07 -32.83 7.84
N ASN F 115 -29.32 -33.57 8.65
CA ASN F 115 -29.06 -33.16 10.03
C ASN F 115 -27.99 -32.12 10.04
N VAL F 116 -28.28 -30.95 10.62
CA VAL F 116 -27.30 -29.87 10.76
C VAL F 116 -27.13 -29.57 12.25
N GLN F 117 -25.88 -29.50 12.70
CA GLN F 117 -25.55 -29.21 14.10
C GLN F 117 -24.36 -28.26 14.13
N VAL F 118 -23.80 -28.00 15.30
CA VAL F 118 -22.46 -27.39 15.34
C VAL F 118 -21.47 -28.50 15.74
N THR F 119 -20.27 -28.42 15.18
CA THR F 119 -19.23 -29.44 15.29
C THR F 119 -17.90 -28.79 15.66
N PRO F 120 -17.08 -29.43 16.53
CA PRO F 120 -15.76 -28.83 16.76
C PRO F 120 -15.05 -28.51 15.44
N GLU F 121 -14.43 -27.36 15.36
CA GLU F 121 -13.81 -26.86 14.14
C GLU F 121 -12.98 -27.87 13.34
N ASN F 122 -12.06 -28.53 14.01
CA ASN F 122 -11.16 -29.42 13.30
C ASN F 122 -11.85 -30.65 12.64
N GLU F 123 -13.07 -30.98 13.09
CA GLU F 123 -13.87 -32.07 12.50
C GLU F 123 -15.02 -31.60 11.63
N ALA F 124 -15.15 -30.29 11.42
CA ALA F 124 -16.27 -29.81 10.63
C ALA F 124 -15.95 -29.90 9.14
N ASN F 125 -16.37 -30.99 8.50
CA ASN F 125 -15.95 -31.31 7.14
C ASN F 125 -17.04 -31.02 6.11
N GLN F 126 -18.24 -30.66 6.59
CA GLN F 126 -19.32 -30.27 5.70
C GLN F 126 -19.87 -28.93 6.14
N ALA F 127 -18.94 -28.01 6.33
CA ALA F 127 -19.20 -26.80 7.06
C ALA F 127 -19.10 -25.52 6.22
N ARG F 128 -19.16 -25.64 4.89
CA ARG F 128 -19.19 -24.46 4.03
C ARG F 128 -20.60 -23.94 3.77
N TRP F 129 -20.80 -22.63 3.94
CA TRP F 129 -22.10 -22.00 3.73
C TRP F 129 -21.98 -20.70 2.95
N LYS F 130 -23.08 -20.31 2.30
CA LYS F 130 -23.16 -19.08 1.57
C LYS F 130 -24.45 -18.34 1.95
N PRO F 131 -24.33 -17.11 2.47
CA PRO F 131 -25.51 -16.32 2.77
C PRO F 131 -26.00 -15.65 1.50
N THR F 132 -27.19 -16.01 1.07
CA THR F 132 -27.68 -15.64 -0.27
C THR F 132 -28.88 -14.71 -0.17
N LEU F 133 -28.76 -13.49 -0.71
CA LEU F 133 -29.80 -12.46 -0.54
C LEU F 133 -31.12 -12.99 -1.11
N GLN F 134 -32.24 -12.70 -0.44
CA GLN F 134 -33.54 -13.34 -0.75
C GLN F 134 -33.92 -13.23 -2.22
N MET G 4 -27.06 -7.37 -15.84
CA MET G 4 -26.56 -8.65 -16.34
C MET G 4 -25.99 -8.52 -17.76
N ALA G 5 -24.71 -8.87 -17.88
CA ALA G 5 -23.95 -8.75 -19.13
C ALA G 5 -24.08 -9.99 -19.98
N HIS G 6 -24.45 -9.82 -21.24
CA HIS G 6 -24.51 -10.93 -22.17
C HIS G 6 -23.14 -11.19 -22.78
N VAL G 7 -22.65 -12.41 -22.61
CA VAL G 7 -21.34 -12.79 -23.10
C VAL G 7 -21.37 -14.10 -23.88
N THR G 8 -20.38 -14.30 -24.74
CA THR G 8 -20.04 -15.63 -25.27
C THR G 8 -18.96 -16.23 -24.38
N LEU G 9 -18.89 -17.56 -24.33
CA LEU G 9 -17.88 -18.22 -23.53
C LEU G 9 -16.91 -18.95 -24.43
N GLN G 10 -15.83 -18.26 -24.77
CA GLN G 10 -14.88 -18.74 -25.75
C GLN G 10 -13.66 -19.36 -25.09
N SER G 11 -13.24 -20.51 -25.57
CA SER G 11 -12.05 -21.15 -25.05
C SER G 11 -10.78 -20.39 -25.45
N LEU G 12 -9.81 -20.40 -24.55
CA LEU G 12 -8.44 -19.97 -24.87
C LEU G 12 -7.52 -21.17 -25.00
N SER G 13 -8.12 -22.36 -25.01
CA SER G 13 -7.36 -23.61 -25.16
C SER G 13 -7.56 -24.23 -26.53
N ASN G 14 -8.43 -23.60 -27.31
CA ASN G 14 -8.76 -24.01 -28.68
C ASN G 14 -8.95 -22.76 -29.53
N ASN G 15 -8.56 -22.84 -30.80
CA ASN G 15 -8.41 -21.64 -31.62
C ASN G 15 -9.74 -21.04 -32.07
N ASP G 16 -10.81 -21.84 -32.02
CA ASP G 16 -12.15 -21.31 -32.28
C ASP G 16 -13.21 -22.24 -31.71
N LEU G 17 -13.61 -21.99 -30.47
CA LEU G 17 -14.67 -22.76 -29.87
C LEU G 17 -15.38 -21.92 -28.82
N CYS G 18 -16.71 -21.82 -28.93
CA CYS G 18 -17.51 -21.12 -27.95
C CYS G 18 -18.55 -22.07 -27.39
N LEU G 19 -18.83 -21.95 -26.10
CA LEU G 19 -19.82 -22.82 -25.48
C LEU G 19 -21.16 -22.60 -26.15
N ASP G 20 -21.82 -23.69 -26.52
CA ASP G 20 -22.91 -23.66 -27.48
C ASP G 20 -24.01 -24.65 -27.10
N VAL G 21 -25.26 -24.18 -27.14
CA VAL G 21 -26.42 -25.04 -26.92
C VAL G 21 -26.73 -25.86 -28.18
N TYR G 22 -26.58 -27.18 -28.11
CA TYR G 22 -26.94 -28.05 -29.24
C TYR G 22 -28.45 -28.18 -29.36
N GLY G 23 -29.10 -28.54 -28.26
CA GLY G 23 -30.51 -28.88 -28.25
C GLY G 23 -30.70 -30.37 -28.51
N GLU G 24 -31.91 -30.75 -28.94
CA GLU G 24 -32.27 -32.15 -29.10
C GLU G 24 -32.95 -32.37 -30.45
N ASN G 25 -32.27 -33.08 -31.35
CA ASN G 25 -32.81 -33.42 -32.66
C ASN G 25 -33.12 -32.18 -33.50
N GLY G 26 -32.60 -31.03 -33.07
CA GLY G 26 -32.84 -29.75 -33.75
C GLY G 26 -33.24 -28.60 -32.83
N ASP G 27 -34.06 -28.89 -31.81
CA ASP G 27 -34.68 -27.84 -30.99
C ASP G 27 -33.74 -27.24 -29.95
N LYS G 28 -33.26 -26.03 -30.20
CA LYS G 28 -32.30 -25.37 -29.31
C LYS G 28 -32.94 -24.76 -28.06
N THR G 29 -34.19 -25.12 -27.78
CA THR G 29 -34.86 -24.63 -26.56
C THR G 29 -35.31 -25.75 -25.63
N VAL G 30 -35.14 -27.00 -26.05
CA VAL G 30 -35.57 -28.14 -25.25
C VAL G 30 -34.84 -28.19 -23.91
N ALA G 31 -35.60 -28.26 -22.81
CA ALA G 31 -35.00 -28.49 -21.50
C ALA G 31 -34.39 -29.89 -21.51
N GLY G 32 -33.17 -30.01 -21.00
CA GLY G 32 -32.43 -31.25 -21.14
C GLY G 32 -31.59 -31.31 -22.40
N GLY G 33 -31.66 -30.25 -23.21
CA GLY G 33 -30.88 -30.16 -24.42
C GLY G 33 -29.39 -30.12 -24.11
N SER G 34 -28.59 -30.70 -24.99
CA SER G 34 -27.16 -30.82 -24.74
C SER G 34 -26.41 -29.49 -24.96
N VAL G 35 -25.31 -29.34 -24.22
CA VAL G 35 -24.40 -28.21 -24.36
C VAL G 35 -23.01 -28.76 -24.65
N ASN G 36 -22.41 -28.30 -25.75
CA ASN G 36 -21.05 -28.69 -26.11
C ASN G 36 -20.36 -27.52 -26.83
N GLY G 37 -19.34 -27.81 -27.64
CA GLY G 37 -18.55 -26.76 -28.29
C GLY G 37 -18.86 -26.56 -29.76
N TRP G 38 -18.56 -25.38 -30.26
CA TRP G 38 -18.84 -25.03 -31.65
C TRP G 38 -18.11 -23.76 -32.06
N SER G 39 -17.87 -23.61 -33.36
CA SER G 39 -17.28 -22.39 -33.91
C SER G 39 -18.07 -21.16 -33.46
N CYS G 40 -17.37 -20.06 -33.21
CA CYS G 40 -18.01 -18.87 -32.66
C CYS G 40 -18.81 -18.14 -33.71
N HIS G 41 -20.07 -17.84 -33.39
CA HIS G 41 -20.90 -17.03 -34.29
C HIS G 41 -21.84 -16.10 -33.49
N GLY G 42 -21.89 -16.26 -32.17
CA GLY G 42 -22.57 -15.30 -31.31
C GLY G 42 -24.07 -15.19 -31.48
N SER G 43 -24.69 -16.24 -32.01
CA SER G 43 -26.14 -16.32 -32.14
C SER G 43 -26.76 -16.50 -30.76
N TRP G 44 -28.09 -16.46 -30.67
CA TRP G 44 -28.78 -16.54 -29.40
C TRP G 44 -28.36 -17.78 -28.60
N ASN G 45 -27.93 -18.84 -29.28
CA ASN G 45 -27.61 -20.09 -28.57
C ASN G 45 -26.13 -20.22 -28.17
N GLN G 46 -25.42 -19.10 -28.20
CA GLN G 46 -24.03 -19.06 -27.79
C GLN G 46 -23.81 -17.93 -26.80
N VAL G 47 -24.90 -17.25 -26.46
CA VAL G 47 -24.87 -16.10 -25.58
C VAL G 47 -25.37 -16.51 -24.21
N TRP G 48 -24.67 -16.06 -23.18
CA TRP G 48 -24.95 -16.44 -21.80
C TRP G 48 -24.92 -15.23 -20.88
N GLY G 49 -25.64 -15.32 -19.77
CA GLY G 49 -25.60 -14.30 -18.74
C GLY G 49 -25.50 -14.91 -17.34
N LEU G 50 -24.55 -14.41 -16.54
CA LEU G 50 -24.34 -14.94 -15.21
C LEU G 50 -25.21 -14.19 -14.22
N ASP G 51 -26.21 -14.85 -13.66
CA ASP G 51 -27.21 -14.15 -12.87
C ASP G 51 -26.80 -14.05 -11.40
N LYS G 52 -27.72 -13.55 -10.59
CA LYS G 52 -27.41 -13.22 -9.21
C LYS G 52 -27.18 -14.50 -8.38
N GLU G 53 -27.82 -15.62 -8.73
CA GLU G 53 -27.63 -16.87 -7.99
C GLU G 53 -26.46 -17.74 -8.54
N GLU G 54 -25.61 -17.10 -9.36
CA GLU G 54 -24.40 -17.69 -9.94
C GLU G 54 -24.70 -18.70 -11.06
N ARG G 55 -25.84 -18.56 -11.72
CA ARG G 55 -26.20 -19.46 -12.83
C ARG G 55 -25.88 -18.83 -14.17
N TYR G 56 -25.43 -19.65 -15.12
CA TYR G 56 -25.26 -19.17 -16.49
C TYR G 56 -26.51 -19.48 -17.29
N ARG G 57 -27.34 -18.46 -17.50
CA ARG G 57 -28.57 -18.60 -18.26
C ARG G 57 -28.30 -18.41 -19.76
N SER G 58 -28.89 -19.27 -20.58
CA SER G 58 -28.77 -19.17 -22.02
C SER G 58 -29.77 -18.17 -22.59
N ARG G 59 -29.40 -17.53 -23.70
CA ARG G 59 -30.28 -16.58 -24.39
C ARG G 59 -31.31 -17.29 -25.25
N VAL G 60 -31.26 -18.62 -25.31
CA VAL G 60 -32.15 -19.35 -26.22
C VAL G 60 -33.62 -19.25 -25.82
N ALA G 61 -33.87 -18.99 -24.53
CA ALA G 61 -35.22 -18.97 -23.98
C ALA G 61 -35.21 -18.51 -22.52
N SER G 62 -36.39 -18.28 -21.96
CA SER G 62 -36.51 -18.01 -20.52
C SER G 62 -36.31 -19.29 -19.74
N ASP G 63 -35.76 -19.16 -18.54
CA ASP G 63 -35.58 -20.29 -17.61
C ASP G 63 -34.77 -21.44 -18.21
N ARG G 64 -33.54 -21.14 -18.63
CA ARG G 64 -32.62 -22.13 -19.19
C ARG G 64 -31.19 -21.94 -18.67
N CYS G 65 -30.82 -22.70 -17.64
CA CYS G 65 -29.49 -22.58 -16.99
C CYS G 65 -28.50 -23.64 -17.43
N LEU G 66 -27.23 -23.28 -17.47
CA LEU G 66 -26.16 -24.25 -17.69
C LEU G 66 -26.04 -25.23 -16.52
N THR G 67 -26.14 -26.53 -16.82
CA THR G 67 -26.23 -27.55 -15.77
C THR G 67 -25.22 -28.70 -15.91
N VAL G 68 -24.55 -29.00 -14.80
CA VAL G 68 -23.71 -30.20 -14.69
C VAL G 68 -24.58 -31.40 -14.36
N ASN G 69 -24.40 -32.49 -15.10
CA ASN G 69 -25.11 -33.74 -14.83
C ASN G 69 -24.29 -34.71 -13.98
N ALA G 70 -24.94 -35.77 -13.55
CA ALA G 70 -24.30 -36.85 -12.80
C ALA G 70 -23.06 -37.40 -13.54
N ASP G 71 -23.19 -37.65 -14.84
CA ASP G 71 -22.07 -38.17 -15.61
C ASP G 71 -21.18 -37.06 -16.16
N LYS G 72 -21.23 -35.89 -15.51
CA LYS G 72 -20.29 -34.79 -15.77
C LYS G 72 -20.44 -34.08 -17.13
N THR G 73 -21.36 -34.53 -17.98
CA THR G 73 -21.71 -33.77 -19.18
C THR G 73 -22.57 -32.56 -18.84
N LEU G 74 -22.92 -31.78 -19.86
CA LEU G 74 -23.60 -30.50 -19.66
C LEU G 74 -24.91 -30.36 -20.46
N THR G 75 -25.95 -29.85 -19.81
CA THR G 75 -27.21 -29.54 -20.49
C THR G 75 -27.70 -28.17 -20.09
N VAL G 76 -28.83 -27.73 -20.65
CA VAL G 76 -29.51 -26.56 -20.14
C VAL G 76 -30.82 -26.99 -19.52
N GLU G 77 -31.11 -26.49 -18.32
CA GLU G 77 -32.28 -26.94 -17.58
C GLU G 77 -32.98 -25.75 -16.94
N GLN G 78 -34.18 -25.99 -16.44
CA GLN G 78 -34.93 -24.98 -15.70
C GLN G 78 -34.08 -24.52 -14.52
N CYS G 79 -34.19 -23.25 -14.17
CA CYS G 79 -33.31 -22.66 -13.18
C CYS G 79 -33.81 -22.96 -11.78
N GLY G 80 -32.90 -23.42 -10.91
CA GLY G 80 -33.22 -23.81 -9.55
C GLY G 80 -32.04 -23.52 -8.64
N ALA G 81 -32.00 -24.17 -7.48
CA ALA G 81 -31.08 -23.82 -6.41
C ALA G 81 -29.81 -24.68 -6.37
N ASN G 82 -29.84 -25.80 -7.08
CA ASN G 82 -28.78 -26.80 -7.01
C ASN G 82 -27.40 -26.26 -7.35
N LEU G 83 -26.39 -26.73 -6.62
CA LEU G 83 -25.02 -26.28 -6.84
C LEU G 83 -24.52 -26.70 -8.23
N ALA G 84 -25.20 -27.66 -8.85
CA ALA G 84 -24.78 -28.12 -10.19
C ALA G 84 -25.04 -27.04 -11.26
N GLN G 85 -25.74 -25.99 -10.87
CA GLN G 85 -26.03 -24.88 -11.77
C GLN G 85 -25.29 -23.60 -11.38
N LYS G 86 -24.36 -23.72 -10.44
CA LYS G 86 -23.60 -22.57 -9.98
C LYS G 86 -22.19 -22.65 -10.48
N TRP G 87 -21.67 -21.49 -10.89
CA TRP G 87 -20.40 -21.36 -11.55
C TRP G 87 -19.69 -20.16 -10.97
N TYR G 88 -18.37 -20.21 -10.93
CA TYR G 88 -17.58 -19.05 -10.53
C TYR G 88 -16.22 -19.05 -11.20
N TRP G 89 -15.69 -17.85 -11.41
CA TRP G 89 -14.43 -17.65 -12.10
C TRP G 89 -13.25 -17.57 -11.14
N GLU G 90 -12.13 -18.18 -11.55
CA GLU G 90 -10.82 -17.92 -10.97
C GLU G 90 -9.82 -17.71 -12.09
N GLY G 91 -9.49 -16.46 -12.40
CA GLY G 91 -8.71 -16.18 -13.60
C GLY G 91 -9.51 -16.67 -14.80
N ASP G 92 -8.87 -17.41 -15.70
CA ASP G 92 -9.55 -17.91 -16.89
C ASP G 92 -10.18 -19.30 -16.69
N LYS G 93 -10.25 -19.76 -15.44
CA LYS G 93 -10.91 -21.04 -15.11
C LYS G 93 -12.35 -20.82 -14.67
N LEU G 94 -13.26 -21.64 -15.21
CA LEU G 94 -14.68 -21.55 -14.91
C LEU G 94 -15.10 -22.77 -14.14
N ILE G 95 -15.41 -22.58 -12.85
CA ILE G 95 -15.50 -23.68 -11.89
C ILE G 95 -16.93 -23.88 -11.39
N SER G 96 -17.35 -25.14 -11.35
CA SER G 96 -18.65 -25.53 -10.86
C SER G 96 -18.61 -25.69 -9.34
N ARG G 97 -19.74 -25.39 -8.70
CA ARG G 97 -19.87 -25.60 -7.27
C ARG G 97 -20.33 -27.01 -6.95
N TYR G 98 -20.55 -27.82 -7.98
CA TYR G 98 -20.92 -29.23 -7.80
C TYR G 98 -19.98 -29.94 -6.84
N VAL G 99 -20.54 -30.71 -5.91
CA VAL G 99 -19.75 -31.50 -4.94
C VAL G 99 -20.04 -32.99 -5.07
N ASP G 100 -19.07 -33.82 -4.71
CA ASP G 100 -19.28 -35.27 -4.61
C ASP G 100 -18.23 -35.92 -3.71
N GLY G 101 -18.10 -37.24 -3.81
CA GLY G 101 -17.25 -37.98 -2.90
C GLY G 101 -15.80 -38.07 -3.33
N ASN G 102 -15.43 -37.30 -4.35
CA ASN G 102 -14.10 -37.40 -4.96
C ASN G 102 -13.09 -36.33 -4.49
N ASN G 103 -13.57 -35.39 -3.66
CA ASN G 103 -12.69 -34.36 -3.08
C ASN G 103 -11.92 -33.58 -4.15
N THR G 104 -12.66 -33.03 -5.10
CA THR G 104 -12.10 -32.19 -6.15
C THR G 104 -13.08 -31.11 -6.60
N ARG G 105 -12.55 -30.02 -7.12
CA ARG G 105 -13.36 -29.08 -7.84
C ARG G 105 -13.48 -29.56 -9.28
N TYR G 106 -14.59 -29.23 -9.92
CA TYR G 106 -14.80 -29.56 -11.33
C TYR G 106 -14.75 -28.29 -12.17
N LEU G 107 -13.93 -28.34 -13.22
CA LEU G 107 -13.73 -27.21 -14.16
C LEU G 107 -14.34 -27.44 -15.53
N LEU G 108 -14.93 -26.39 -16.11
CA LEU G 108 -15.39 -26.45 -17.49
C LEU G 108 -14.19 -26.72 -18.39
N ASN G 109 -14.29 -27.76 -19.21
CA ASN G 109 -13.13 -28.28 -19.88
C ASN G 109 -13.44 -29.04 -21.17
N ILE G 110 -12.59 -28.83 -22.18
CA ILE G 110 -12.66 -29.53 -23.46
C ILE G 110 -12.07 -30.93 -23.30
N VAL G 111 -12.87 -31.97 -23.58
CA VAL G 111 -12.46 -33.33 -23.28
C VAL G 111 -12.12 -34.11 -24.53
N GLY G 112 -12.06 -33.42 -25.66
CA GLY G 112 -11.69 -34.02 -26.93
C GLY G 112 -12.60 -33.47 -28.01
N GLY G 113 -12.01 -33.04 -29.13
CA GLY G 113 -12.80 -32.50 -30.23
C GLY G 113 -13.62 -31.29 -29.80
N ARG G 114 -14.95 -31.41 -29.95
CA ARG G 114 -15.89 -30.37 -29.57
C ARG G 114 -16.70 -30.75 -28.33
N ASN G 115 -16.32 -31.86 -27.69
CA ASN G 115 -16.97 -32.27 -26.45
C ASN G 115 -16.46 -31.47 -25.26
N VAL G 116 -17.36 -30.70 -24.64
CA VAL G 116 -17.05 -29.93 -23.45
C VAL G 116 -17.87 -30.49 -22.28
N GLN G 117 -17.19 -30.69 -21.16
CA GLN G 117 -17.80 -31.27 -19.97
C GLN G 117 -17.14 -30.58 -18.79
N VAL G 118 -17.32 -31.09 -17.58
CA VAL G 118 -16.47 -30.69 -16.45
C VAL G 118 -15.54 -31.84 -16.05
N THR G 119 -14.39 -31.48 -15.46
CA THR G 119 -13.29 -32.41 -15.25
C THR G 119 -12.65 -32.11 -13.90
N PRO G 120 -12.20 -33.15 -13.16
CA PRO G 120 -11.50 -32.85 -11.90
C PRO G 120 -10.37 -31.86 -12.12
N GLU G 121 -10.20 -30.94 -11.20
CA GLU G 121 -9.26 -29.84 -11.35
C GLU G 121 -7.87 -30.28 -11.82
N ASN G 122 -7.32 -31.31 -11.20
CA ASN G 122 -5.94 -31.71 -11.51
C ASN G 122 -5.79 -32.30 -12.91
N GLU G 123 -6.90 -32.67 -13.52
CA GLU G 123 -6.88 -33.34 -14.83
C GLU G 123 -7.30 -32.42 -15.98
N ALA G 124 -7.65 -31.18 -15.69
CA ALA G 124 -8.30 -30.31 -16.68
C ALA G 124 -7.31 -29.45 -17.49
N ASN G 125 -6.90 -29.96 -18.65
CA ASN G 125 -5.80 -29.35 -19.44
C ASN G 125 -6.23 -28.44 -20.59
N GLN G 126 -7.52 -28.42 -20.93
CA GLN G 126 -8.05 -27.47 -21.89
C GLN G 126 -9.20 -26.65 -21.27
N ALA G 127 -8.89 -26.00 -20.15
CA ALA G 127 -9.92 -25.42 -19.29
C ALA G 127 -9.84 -23.90 -19.17
N ARG G 128 -9.20 -23.24 -20.12
CA ARG G 128 -9.13 -21.78 -20.12
C ARG G 128 -10.28 -21.19 -20.93
N TRP G 129 -10.89 -20.12 -20.40
CA TRP G 129 -12.07 -19.51 -21.02
C TRP G 129 -12.03 -18.00 -20.87
N LYS G 130 -12.67 -17.30 -21.80
CA LYS G 130 -12.79 -15.86 -21.75
C LYS G 130 -14.26 -15.48 -21.92
N PRO G 131 -14.89 -14.92 -20.88
CA PRO G 131 -16.24 -14.40 -21.09
C PRO G 131 -16.15 -13.11 -21.84
N THR G 132 -16.76 -13.08 -23.02
CA THR G 132 -16.55 -12.04 -24.00
C THR G 132 -17.83 -11.25 -24.24
N LEU G 133 -17.83 -9.99 -23.83
CA LEU G 133 -19.00 -9.14 -23.98
C LEU G 133 -19.43 -9.05 -25.44
N GLN G 134 -20.62 -9.56 -25.73
CA GLN G 134 -21.13 -9.63 -27.09
C GLN G 134 -21.65 -8.26 -27.53
#